data_3JCX
#
_entry.id   3JCX
#
_cell.length_a   1
_cell.length_b   1
_cell.length_c   1
_cell.angle_alpha   90.00
_cell.angle_beta   90.00
_cell.angle_gamma   90.00
#
_symmetry.space_group_name_H-M   'P 1'
#
loop_
_entity.id
_entity.type
_entity.pdbx_description
1 polymer 'Capsid protein 2'
2 polymer 'Fab E heavy chain'
3 polymer 'Fab E light chain'
#
loop_
_entity_poly.entity_id
_entity_poly.type
_entity_poly.pdbx_seq_one_letter_code
_entity_poly.pdbx_strand_id
1 'polypeptide(L)'
;MSDGAVQPDGGQPAVRNERATGSGNGSGGGGGGGSGGVGISTGTFNNQTEFKFLENGWVYITANSSRLVHLNMPESENYR
RVVVNNMDKTAVNGNMALDDIHAEIVTPWSLVDANAWGVWFNPGDWQLIVNTMSELHLVSFEQEIFNVVLKTVSESATQP
PTKVYNNDLTASLMVALDSNNTMPFTPAAMRSETLGFYPWKPTIPTPWRYYFQWDRTLIPSHTGTSGTPTNIYHGTDPDD
VQFYTIENSVPVHLLRTGDEFATGTFFFDCKPCRLTHTWQTNRALGLPPFLNSLPQSEGDTNFGDIGVQQDKRRGVTQMG
NTNYITEATIMRPAEVGYSAPYYSFEASTQGPFKTPIAAGRGGAQTDENQAADGNPRYAFGRQHGQKTTTTGETPERFTY
IAHQDTGRYPEGDWIQNINFNLPVTNDNVLLPTDPIGGKTGINYTNIFNTYGPLTALNNVPPVYPNGQIWDKEFDTDLKP
RLHVNAPFVCQNNCPGQLFVKVAPNLTNQYDPDASANMSRIVTYSDFWWKGKLVFKAKLRASHTWNPIQQMSINVDNQFN
YVPSNIGGMKIVYEKSQLAPRKLY
;
A
2 'polypeptide(L)'
;SGPGLVQPSQTLSLTCTVSGFSLSSYHVHWVRQPPGKGLEWLGVMWNDGDTSYNLALNSRLSISRDTSKSQVFFKMSSLQ
TEDTATYYCARPELPGLTYGVWFPYWGQGTLVTVS
;
H
3 'polypeptide(L)'
;LMTQIPASMSISVGDRVTMNCKASQNVDSNVDWYQQKTGQSPNLLIYKASNRNTGVPDRFTGSGSGTDFTFTISNMQAED
LAVYYCMQSTSYPLTFGSGTKLEIKRA
;
L
#
# COMPACT_ATOMS: atom_id res chain seq x y z
N GLY A 37 -1.80 39.80 -27.41
CA GLY A 37 -1.47 38.57 -26.71
C GLY A 37 -2.64 37.61 -26.56
N VAL A 38 -3.70 38.08 -25.91
CA VAL A 38 -4.88 37.24 -25.72
C VAL A 38 -5.60 36.96 -27.03
N GLY A 39 -5.40 37.82 -28.03
CA GLY A 39 -6.17 37.75 -29.25
C GLY A 39 -5.70 36.67 -30.20
N ILE A 40 -4.92 35.73 -29.71
CA ILE A 40 -4.47 34.59 -30.51
C ILE A 40 -4.64 33.33 -29.67
N SER A 41 -4.58 32.19 -30.34
CA SER A 41 -4.41 30.91 -29.68
C SER A 41 -3.51 30.06 -30.56
N THR A 42 -2.45 29.53 -29.96
CA THR A 42 -1.36 28.95 -30.73
C THR A 42 -1.51 27.44 -30.95
N GLY A 43 -2.44 26.79 -30.29
CA GLY A 43 -2.43 25.34 -30.26
C GLY A 43 -3.26 24.70 -31.36
N THR A 44 -3.16 23.37 -31.42
CA THR A 44 -4.02 22.54 -32.24
C THR A 44 -4.45 21.35 -31.41
N PHE A 45 -5.41 20.60 -31.91
CA PHE A 45 -6.05 19.52 -31.15
C PHE A 45 -6.06 18.27 -32.00
N ASN A 46 -5.39 17.22 -31.53
CA ASN A 46 -5.16 16.04 -32.36
C ASN A 46 -5.42 14.78 -31.56
N ASN A 47 -6.31 13.95 -32.07
CA ASN A 47 -6.30 12.52 -31.76
C ASN A 47 -6.36 11.80 -33.09
N GLN A 48 -5.24 11.19 -33.49
CA GLN A 48 -5.17 10.54 -34.78
C GLN A 48 -4.27 9.34 -34.70
N THR A 49 -4.40 8.48 -35.69
CA THR A 49 -3.52 7.34 -35.87
C THR A 49 -3.12 7.31 -37.33
N GLU A 50 -1.84 7.49 -37.60
CA GLU A 50 -1.37 7.54 -38.97
C GLU A 50 -0.26 6.52 -39.13
N PHE A 51 -0.37 5.68 -40.16
CA PHE A 51 0.63 4.66 -40.43
C PHE A 51 1.51 5.12 -41.58
N LYS A 52 2.74 5.50 -41.26
CA LYS A 52 3.75 5.83 -42.24
C LYS A 52 4.59 4.59 -42.47
N PHE A 53 4.96 4.33 -43.71
CA PHE A 53 5.63 3.08 -44.03
C PHE A 53 7.03 3.31 -44.56
N LEU A 54 7.86 2.28 -44.40
CA LEU A 54 9.23 2.29 -44.91
C LEU A 54 9.52 1.04 -45.71
N GLU A 55 10.78 0.85 -46.07
CA GLU A 55 11.20 -0.32 -46.82
C GLU A 55 11.53 -1.47 -45.89
N ASN A 56 11.14 -2.68 -46.30
CA ASN A 56 11.51 -3.92 -45.64
C ASN A 56 10.98 -3.98 -44.21
N GLY A 57 9.65 -4.02 -44.12
CA GLY A 57 8.99 -4.48 -42.92
C GLY A 57 9.00 -3.54 -41.74
N TRP A 58 9.77 -2.46 -41.77
CA TRP A 58 9.80 -1.54 -40.65
C TRP A 58 8.71 -0.49 -40.86
N VAL A 59 7.80 -0.39 -39.90
CA VAL A 59 6.64 0.48 -40.00
C VAL A 59 6.57 1.32 -38.74
N TYR A 60 6.50 2.64 -38.91
CA TYR A 60 6.34 3.53 -37.77
C TYR A 60 4.87 3.68 -37.44
N ILE A 61 4.48 3.27 -36.24
CA ILE A 61 3.16 3.55 -35.72
C ILE A 61 3.26 4.83 -34.92
N THR A 62 2.66 5.89 -35.43
CA THR A 62 2.74 7.21 -34.84
C THR A 62 1.35 7.57 -34.32
N ALA A 63 1.20 7.58 -33.01
CA ALA A 63 -0.09 7.88 -32.39
C ALA A 63 0.00 9.21 -31.65
N ASN A 64 -1.07 9.98 -31.71
CA ASN A 64 -1.19 11.22 -30.97
C ASN A 64 -2.48 11.18 -30.17
N SER A 65 -2.56 12.03 -29.16
CA SER A 65 -3.80 12.15 -28.41
C SER A 65 -3.83 13.52 -27.75
N SER A 66 -4.85 13.73 -26.93
CA SER A 66 -5.10 15.00 -26.29
C SER A 66 -6.30 14.82 -25.38
N ARG A 67 -6.44 15.75 -24.44
CA ARG A 67 -7.52 15.70 -23.45
C ARG A 67 -7.82 17.12 -23.01
N LEU A 68 -8.96 17.27 -22.36
CA LEU A 68 -9.35 18.52 -21.72
C LEU A 68 -9.18 18.33 -20.21
N VAL A 69 -8.59 19.31 -19.55
CA VAL A 69 -8.28 19.15 -18.13
C VAL A 69 -8.91 20.24 -17.28
N HIS A 70 -9.58 19.84 -16.22
CA HIS A 70 -10.08 20.79 -15.26
C HIS A 70 -9.37 20.51 -13.94
N LEU A 71 -9.03 21.56 -13.22
CA LEU A 71 -8.17 21.44 -12.06
C LEU A 71 -8.60 22.30 -10.89
N ASN A 72 -9.17 21.69 -9.86
CA ASN A 72 -9.52 22.43 -8.66
C ASN A 72 -8.27 23.04 -8.03
N MET A 73 -8.45 24.16 -7.38
CA MET A 73 -7.37 24.74 -6.59
C MET A 73 -7.17 23.91 -5.33
N PRO A 74 -5.95 23.51 -5.02
CA PRO A 74 -5.73 22.69 -3.82
C PRO A 74 -6.12 23.45 -2.58
N GLU A 75 -6.94 22.82 -1.74
CA GLU A 75 -7.47 23.49 -0.58
C GLU A 75 -6.44 23.62 0.52
N SER A 76 -5.55 22.65 0.66
CA SER A 76 -4.47 22.80 1.61
C SER A 76 -3.43 23.78 1.06
N GLU A 77 -2.42 24.07 1.87
CA GLU A 77 -1.39 25.00 1.42
C GLU A 77 0.01 24.46 1.69
N ASN A 78 0.37 24.36 2.96
CA ASN A 78 1.71 23.93 3.31
C ASN A 78 1.90 22.46 2.95
N TYR A 79 3.16 22.07 2.78
CA TYR A 79 3.46 20.65 2.71
C TYR A 79 3.04 19.98 4.00
N ARG A 80 2.60 18.74 3.91
CA ARG A 80 1.93 18.12 5.02
C ARG A 80 2.33 16.67 5.14
N ARG A 81 2.78 16.27 6.33
CA ARG A 81 3.12 14.89 6.64
C ARG A 81 2.02 14.28 7.48
N VAL A 82 1.55 13.10 7.09
CA VAL A 82 0.45 12.44 7.77
C VAL A 82 0.81 10.98 7.96
N VAL A 83 0.40 10.43 9.10
CA VAL A 83 0.48 9.00 9.36
C VAL A 83 -0.94 8.48 9.47
N VAL A 84 -1.25 7.44 8.70
CA VAL A 84 -2.57 6.82 8.73
C VAL A 84 -2.50 5.56 9.58
N ASN A 85 -3.53 5.33 10.37
CA ASN A 85 -3.63 4.11 11.16
C ASN A 85 -5.06 3.62 11.13
N ASN A 86 -5.21 2.32 10.88
CA ASN A 86 -6.41 1.61 11.32
C ASN A 86 -5.97 0.36 12.07
N MET A 87 -6.15 0.36 13.39
CA MET A 87 -6.05 -0.88 14.12
C MET A 87 -7.25 -0.98 15.05
N ASP A 88 -8.32 -1.64 14.59
CA ASP A 88 -8.93 -2.75 15.28
C ASP A 88 -8.75 -4.05 14.52
N LYS A 89 -8.34 -3.95 13.25
CA LYS A 89 -8.37 -5.09 12.35
C LYS A 89 -7.12 -5.93 12.47
N THR A 90 -5.96 -5.29 12.54
CA THR A 90 -4.76 -5.98 12.95
C THR A 90 -4.78 -6.32 14.43
N ALA A 91 -5.64 -5.65 15.19
CA ALA A 91 -5.75 -5.95 16.61
C ALA A 91 -6.42 -7.30 16.83
N VAL A 92 -7.59 -7.51 16.22
CA VAL A 92 -8.29 -8.76 16.40
C VAL A 92 -7.42 -9.90 15.89
N ASN A 93 -7.54 -11.05 16.55
CA ASN A 93 -6.74 -12.20 16.16
C ASN A 93 -7.01 -12.57 14.71
N GLY A 94 -6.00 -13.12 14.06
CA GLY A 94 -6.09 -13.35 12.63
C GLY A 94 -5.81 -12.07 11.86
N ASN A 95 -6.29 -12.06 10.62
CA ASN A 95 -6.11 -10.92 9.74
C ASN A 95 -4.62 -10.62 9.55
N MET A 96 -3.97 -11.50 8.80
CA MET A 96 -2.56 -11.38 8.45
C MET A 96 -2.27 -9.95 8.01
N ALA A 97 -2.74 -9.57 6.83
CA ALA A 97 -2.87 -8.17 6.47
C ALA A 97 -4.23 -7.98 5.81
N LEU A 98 -5.12 -7.28 6.50
CA LEU A 98 -6.21 -6.60 5.83
C LEU A 98 -5.90 -5.13 5.63
N ASP A 99 -4.78 -4.67 6.19
CA ASP A 99 -4.25 -3.32 5.99
C ASP A 99 -2.98 -3.20 6.82
N ASP A 100 -2.17 -2.21 6.45
CA ASP A 100 -1.01 -1.79 7.22
C ASP A 100 -1.08 -0.29 7.45
N ILE A 101 -0.01 0.29 7.97
CA ILE A 101 0.00 1.71 8.23
C ILE A 101 1.11 2.39 7.45
N HIS A 102 0.77 3.47 6.75
CA HIS A 102 1.77 4.17 5.97
C HIS A 102 1.83 5.65 6.31
N ALA A 103 2.91 6.30 5.93
CA ALA A 103 3.08 7.72 6.21
C ALA A 103 3.55 8.42 4.95
N GLU A 104 2.89 9.51 4.60
CA GLU A 104 3.12 10.15 3.33
C GLU A 104 3.22 11.66 3.50
N ILE A 105 3.71 12.31 2.46
CA ILE A 105 3.88 13.75 2.41
C ILE A 105 3.03 14.27 1.26
N VAL A 106 1.97 15.01 1.59
CA VAL A 106 0.99 15.44 0.61
C VAL A 106 1.32 16.87 0.20
N THR A 107 1.71 17.05 -1.04
CA THR A 107 1.92 18.38 -1.58
C THR A 107 0.60 18.96 -2.06
N PRO A 108 0.53 20.28 -2.20
CA PRO A 108 -0.63 20.87 -2.88
C PRO A 108 -0.65 20.59 -4.36
N TRP A 109 0.46 20.17 -4.96
CA TRP A 109 0.51 20.10 -6.41
C TRP A 109 -0.31 18.92 -6.93
N SER A 110 -0.34 18.78 -8.24
CA SER A 110 -1.13 17.73 -8.88
C SER A 110 -0.45 17.31 -10.16
N LEU A 111 -0.68 16.06 -10.56
CA LEU A 111 0.08 15.39 -11.61
C LEU A 111 -0.81 14.99 -12.76
N VAL A 112 -0.63 15.64 -13.90
CA VAL A 112 -1.15 15.15 -15.17
C VAL A 112 -0.10 14.23 -15.76
N ASP A 113 -0.48 13.01 -16.11
CA ASP A 113 0.50 12.09 -16.63
C ASP A 113 -0.09 11.11 -17.63
N ALA A 114 0.78 10.70 -18.54
CA ALA A 114 0.59 9.66 -19.55
C ALA A 114 0.82 8.30 -18.93
N ASN A 115 1.24 7.34 -19.74
CA ASN A 115 1.62 6.01 -19.29
C ASN A 115 0.41 5.18 -18.90
N ALA A 116 -0.64 5.30 -19.70
CA ALA A 116 -1.63 4.26 -19.85
C ALA A 116 -1.78 3.97 -21.34
N TRP A 117 -2.37 2.84 -21.67
CA TRP A 117 -2.66 2.59 -23.08
C TRP A 117 -4.08 2.97 -23.46
N GLY A 118 -4.84 3.55 -22.55
CA GLY A 118 -6.14 4.07 -22.93
C GLY A 118 -6.09 5.55 -23.20
N VAL A 119 -4.95 6.17 -22.93
CA VAL A 119 -4.84 7.60 -23.20
C VAL A 119 -4.59 7.84 -24.67
N TRP A 120 -3.71 7.08 -25.29
CA TRP A 120 -3.71 7.02 -26.74
C TRP A 120 -3.70 5.56 -27.18
N PHE A 121 -4.84 5.11 -27.67
CA PHE A 121 -5.08 4.04 -28.63
C PHE A 121 -6.58 3.82 -28.63
N ASN A 122 -7.08 3.15 -29.66
CA ASN A 122 -8.50 2.88 -29.68
C ASN A 122 -8.70 1.40 -29.94
N PRO A 123 -9.66 0.78 -29.25
CA PRO A 123 -9.98 -0.61 -29.58
C PRO A 123 -10.36 -0.78 -31.03
N GLY A 124 -10.65 0.31 -31.73
CA GLY A 124 -10.66 0.26 -33.17
C GLY A 124 -9.27 0.23 -33.76
N ASP A 125 -8.39 1.10 -33.27
CA ASP A 125 -7.03 1.11 -33.80
C ASP A 125 -6.23 -0.06 -33.31
N TRP A 126 -6.51 -0.52 -32.09
CA TRP A 126 -5.71 -1.55 -31.46
C TRP A 126 -5.65 -2.81 -32.31
N GLN A 127 -6.65 -3.04 -33.15
CA GLN A 127 -6.70 -4.26 -33.93
C GLN A 127 -5.51 -4.37 -34.88
N LEU A 128 -5.35 -3.38 -35.77
CA LEU A 128 -4.36 -3.51 -36.81
C LEU A 128 -2.94 -3.59 -36.28
N ILE A 129 -2.72 -3.27 -35.01
CA ILE A 129 -1.38 -3.42 -34.47
C ILE A 129 -1.09 -4.87 -34.11
N VAL A 130 -2.03 -5.51 -33.41
CA VAL A 130 -1.73 -6.83 -32.87
C VAL A 130 -1.88 -7.94 -33.88
N ASN A 131 -2.60 -7.73 -34.98
CA ASN A 131 -2.75 -8.81 -35.94
C ASN A 131 -1.55 -8.91 -36.87
N THR A 132 -0.97 -7.77 -37.23
CA THR A 132 0.05 -7.74 -38.27
C THR A 132 1.48 -7.65 -37.75
N MET A 133 1.70 -7.51 -36.45
CA MET A 133 3.00 -7.08 -35.95
C MET A 133 3.54 -8.07 -34.94
N SER A 134 4.78 -8.50 -35.15
CA SER A 134 5.41 -9.43 -34.23
C SER A 134 6.33 -8.78 -33.21
N GLU A 135 6.57 -7.48 -33.28
CA GLU A 135 7.50 -6.89 -32.33
C GLU A 135 7.26 -5.40 -32.20
N LEU A 136 7.76 -4.83 -31.11
CA LEU A 136 7.72 -3.39 -30.88
C LEU A 136 9.09 -2.83 -30.51
N HIS A 137 9.27 -1.53 -30.76
CA HIS A 137 10.41 -0.79 -30.29
C HIS A 137 9.87 0.55 -29.86
N LEU A 138 10.43 1.15 -28.83
CA LEU A 138 9.98 2.45 -28.40
C LEU A 138 10.96 3.50 -28.89
N VAL A 139 10.50 4.73 -29.10
CA VAL A 139 11.37 5.74 -29.66
C VAL A 139 11.38 7.01 -28.85
N SER A 140 10.29 7.77 -28.91
CA SER A 140 10.36 9.14 -28.44
C SER A 140 9.01 9.60 -27.91
N PHE A 141 9.07 10.59 -27.03
CA PHE A 141 7.91 11.06 -26.29
C PHE A 141 8.05 12.56 -26.10
N GLU A 142 6.93 13.28 -26.19
CA GLU A 142 6.98 14.70 -25.88
C GLU A 142 5.58 15.20 -25.54
N GLN A 143 5.54 16.36 -24.88
CA GLN A 143 4.30 16.97 -24.43
C GLN A 143 4.37 18.47 -24.63
N GLU A 144 3.21 19.11 -24.61
CA GLU A 144 3.15 20.56 -24.49
C GLU A 144 1.78 20.95 -23.98
N ILE A 145 1.67 22.17 -23.48
CA ILE A 145 0.43 22.69 -22.93
C ILE A 145 0.15 24.06 -23.56
N PHE A 146 -1.07 24.27 -24.03
CA PHE A 146 -1.39 25.47 -24.78
C PHE A 146 -2.79 25.96 -24.42
N ASN A 147 -2.97 27.27 -24.56
CA ASN A 147 -4.25 27.96 -24.42
C ASN A 147 -4.88 27.65 -23.05
N VAL A 148 -4.23 28.17 -22.04
CA VAL A 148 -4.71 28.06 -20.68
C VAL A 148 -5.83 29.06 -20.47
N VAL A 149 -6.74 28.78 -19.53
CA VAL A 149 -7.79 29.71 -19.12
C VAL A 149 -7.92 29.65 -17.61
N LEU A 150 -8.23 30.80 -17.01
CA LEU A 150 -8.42 30.88 -15.57
C LEU A 150 -9.75 31.55 -15.28
N LYS A 151 -10.51 30.98 -14.36
CA LYS A 151 -11.82 31.50 -14.01
C LYS A 151 -11.88 31.80 -12.52
N THR A 152 -13.05 32.25 -12.06
CA THR A 152 -13.20 32.70 -10.70
C THR A 152 -14.64 32.50 -10.25
N VAL A 153 -14.81 32.24 -8.97
CA VAL A 153 -16.12 32.07 -8.37
C VAL A 153 -16.28 33.10 -7.25
N SER A 154 -17.32 33.91 -7.35
CA SER A 154 -17.70 34.83 -6.28
C SER A 154 -19.05 34.37 -5.75
N GLU A 155 -19.05 33.85 -4.52
CA GLU A 155 -20.26 33.27 -3.94
C GLU A 155 -21.01 34.35 -3.18
N SER A 156 -22.18 34.71 -3.67
CA SER A 156 -23.06 35.61 -2.95
C SER A 156 -23.71 34.88 -1.78
N ALA A 157 -24.26 35.67 -0.85
CA ALA A 157 -25.00 35.11 0.28
C ALA A 157 -26.48 35.44 0.19
N THR A 158 -26.84 36.73 0.20
CA THR A 158 -28.25 37.12 0.12
C THR A 158 -28.92 36.62 -1.15
N GLN A 159 -28.14 36.33 -2.20
CA GLN A 159 -28.66 35.80 -3.46
C GLN A 159 -29.02 34.33 -3.24
N PRO A 160 -29.52 33.60 -4.26
CA PRO A 160 -29.96 32.20 -4.05
C PRO A 160 -29.07 31.21 -3.27
N PRO A 161 -27.73 31.29 -3.38
CA PRO A 161 -26.79 32.08 -4.18
C PRO A 161 -26.59 31.58 -5.60
N THR A 162 -26.23 32.50 -6.48
CA THR A 162 -25.81 32.17 -7.83
C THR A 162 -24.29 32.33 -7.94
N LYS A 163 -23.69 31.49 -8.75
CA LYS A 163 -22.24 31.49 -8.91
C LYS A 163 -21.89 32.40 -10.09
N VAL A 164 -21.22 33.50 -9.80
CA VAL A 164 -20.74 34.41 -10.84
C VAL A 164 -19.43 33.85 -11.40
N TYR A 165 -19.19 34.08 -12.68
CA TYR A 165 -17.94 33.69 -13.29
C TYR A 165 -17.43 34.82 -14.17
N ASN A 166 -16.27 35.35 -13.84
CA ASN A 166 -15.64 36.41 -14.64
C ASN A 166 -14.23 35.98 -14.96
N ASN A 167 -13.93 35.85 -16.25
CA ASN A 167 -12.62 35.39 -16.68
C ASN A 167 -11.56 36.39 -16.23
N ASP A 168 -10.53 35.88 -15.56
CA ASP A 168 -9.49 36.72 -14.98
C ASP A 168 -8.22 36.61 -15.82
N LEU A 169 -7.80 37.72 -16.41
CA LEU A 169 -6.59 37.69 -17.22
C LEU A 169 -5.35 37.55 -16.34
N THR A 170 -5.20 38.43 -15.36
CA THR A 170 -3.91 38.58 -14.71
C THR A 170 -3.62 37.51 -13.67
N ALA A 171 -4.55 36.59 -13.42
CA ALA A 171 -4.22 35.49 -12.53
C ALA A 171 -3.23 34.57 -13.25
N SER A 172 -2.76 33.53 -12.57
CA SER A 172 -1.59 32.84 -13.07
C SER A 172 -1.68 31.34 -12.81
N LEU A 173 -0.85 30.61 -13.54
CA LEU A 173 -0.76 29.16 -13.45
C LEU A 173 0.71 28.75 -13.38
N MET A 174 1.01 27.75 -12.58
CA MET A 174 2.37 27.28 -12.40
C MET A 174 2.57 25.94 -13.12
N VAL A 175 3.71 25.80 -13.78
CA VAL A 175 4.08 24.60 -14.51
C VAL A 175 5.50 24.24 -14.10
N ALA A 176 5.69 23.04 -13.58
CA ALA A 176 7.00 22.60 -13.11
C ALA A 176 7.29 21.24 -13.70
N LEU A 177 8.34 21.16 -14.52
CA LEU A 177 8.66 19.93 -15.24
C LEU A 177 10.16 19.72 -15.24
N ASP A 178 10.59 18.54 -14.83
CA ASP A 178 12.01 18.20 -14.74
C ASP A 178 12.33 17.06 -15.69
N SER A 179 13.40 17.23 -16.45
CA SER A 179 14.01 16.13 -17.20
C SER A 179 15.19 15.52 -16.45
N ASN A 180 15.51 16.01 -15.26
CA ASN A 180 16.58 15.39 -14.48
C ASN A 180 16.11 14.20 -13.67
N ASN A 181 14.81 14.09 -13.39
CA ASN A 181 14.23 13.03 -12.56
C ASN A 181 14.67 13.11 -11.11
N THR A 182 15.50 14.08 -10.74
CA THR A 182 16.06 14.14 -9.40
C THR A 182 14.96 14.02 -8.34
N MET A 183 13.93 14.87 -8.42
CA MET A 183 12.81 14.75 -7.51
C MET A 183 12.15 13.38 -7.66
N PRO A 184 11.60 12.84 -6.57
CA PRO A 184 11.36 11.40 -6.51
C PRO A 184 10.34 10.97 -7.55
N PHE A 185 10.16 9.68 -7.65
CA PHE A 185 9.46 9.13 -8.80
C PHE A 185 8.32 8.25 -8.36
N THR A 186 7.23 8.34 -9.12
CA THR A 186 6.19 7.34 -9.22
C THR A 186 5.73 7.34 -10.67
N PRO A 187 5.28 6.21 -11.18
CA PRO A 187 4.33 6.24 -12.28
C PRO A 187 2.95 6.27 -11.65
N ALA A 188 1.94 6.43 -12.47
CA ALA A 188 0.67 6.07 -11.90
C ALA A 188 -0.20 5.24 -12.79
N ALA A 189 -0.09 3.93 -12.61
CA ALA A 189 -1.21 3.13 -12.21
C ALA A 189 -0.60 2.08 -11.31
N MET A 190 -0.68 2.28 -10.01
CA MET A 190 -0.79 1.19 -9.07
C MET A 190 -2.22 1.08 -8.60
N ARG A 191 -3.02 2.02 -9.03
CA ARG A 191 -4.42 2.32 -8.83
C ARG A 191 -5.14 2.60 -10.13
N SER A 192 -4.53 3.39 -11.03
CA SER A 192 -5.15 3.98 -12.21
C SER A 192 -6.13 5.06 -11.79
N GLU A 193 -5.55 6.12 -11.22
CA GLU A 193 -6.14 7.43 -11.13
C GLU A 193 -5.79 8.30 -12.33
N THR A 194 -5.15 7.71 -13.34
CA THR A 194 -4.60 8.39 -14.51
C THR A 194 -5.69 8.99 -15.39
N LEU A 195 -5.24 9.82 -16.33
CA LEU A 195 -6.13 10.61 -17.18
C LEU A 195 -7.21 9.75 -17.83
N GLY A 196 -8.39 10.34 -17.97
CA GLY A 196 -9.50 9.62 -18.56
C GLY A 196 -9.32 9.36 -20.04
N PHE A 197 -9.91 8.27 -20.50
CA PHE A 197 -9.83 7.92 -21.90
C PHE A 197 -10.90 8.72 -22.64
N TYR A 198 -11.01 8.50 -23.94
CA TYR A 198 -11.86 9.21 -24.88
C TYR A 198 -11.29 10.61 -25.02
N PRO A 199 -11.32 11.21 -26.18
CA PRO A 199 -11.03 12.65 -26.21
C PRO A 199 -12.23 13.56 -26.48
N TRP A 200 -13.41 13.31 -25.92
CA TRP A 200 -14.38 14.39 -25.78
C TRP A 200 -14.69 14.74 -24.34
N LYS A 201 -14.25 13.95 -23.40
CA LYS A 201 -14.63 14.10 -22.01
C LYS A 201 -13.48 14.67 -21.22
N PRO A 202 -13.74 15.62 -20.35
CA PRO A 202 -12.65 16.17 -19.54
C PRO A 202 -12.01 15.09 -18.68
N THR A 203 -10.96 15.45 -17.96
CA THR A 203 -10.39 14.53 -16.98
C THR A 203 -9.59 15.35 -16.00
N ILE A 204 -9.34 14.78 -14.82
CA ILE A 204 -8.62 15.52 -13.80
C ILE A 204 -7.34 14.77 -13.43
N PRO A 205 -6.28 15.48 -13.13
CA PRO A 205 -5.09 14.85 -12.58
C PRO A 205 -5.34 14.44 -11.15
N THR A 206 -4.30 14.01 -10.43
CA THR A 206 -4.50 13.66 -9.04
C THR A 206 -3.43 14.29 -8.16
N PRO A 207 -3.77 14.62 -6.93
CA PRO A 207 -2.78 15.14 -5.99
C PRO A 207 -1.60 14.18 -5.88
N TRP A 208 -0.43 14.74 -5.67
CA TRP A 208 0.83 14.02 -5.81
C TRP A 208 1.44 13.74 -4.44
N ARG A 209 1.99 12.54 -4.29
CA ARG A 209 2.39 12.07 -2.97
C ARG A 209 3.41 10.96 -3.12
N TYR A 210 4.10 10.67 -2.03
CA TYR A 210 5.21 9.73 -2.06
C TYR A 210 5.43 9.20 -0.66
N TYR A 211 6.10 8.06 -0.57
CA TYR A 211 6.32 7.44 0.72
C TYR A 211 7.45 8.11 1.48
N PHE A 212 7.34 8.05 2.79
CA PHE A 212 8.31 8.52 3.76
C PHE A 212 8.97 7.28 4.35
N GLN A 213 9.82 7.45 5.35
CA GLN A 213 10.51 6.32 5.97
C GLN A 213 10.09 6.17 7.42
N TRP A 214 9.46 5.04 7.73
CA TRP A 214 9.19 4.68 9.11
C TRP A 214 9.68 3.26 9.35
N ASP A 215 9.38 2.71 10.52
CA ASP A 215 9.61 1.31 10.80
C ASP A 215 8.36 0.70 11.42
N ARG A 216 8.04 -0.53 11.04
CA ARG A 216 6.94 -1.27 11.63
C ARG A 216 7.31 -2.74 11.71
N THR A 217 6.84 -3.42 12.75
CA THR A 217 6.95 -4.86 12.87
C THR A 217 5.62 -5.42 13.34
N LEU A 218 5.19 -6.52 12.74
CA LEU A 218 3.92 -7.15 13.08
C LEU A 218 4.10 -8.65 13.21
N ILE A 219 3.62 -9.20 14.32
CA ILE A 219 3.74 -10.62 14.64
C ILE A 219 2.53 -11.34 14.08
N PRO A 220 2.63 -12.61 13.71
CA PRO A 220 1.47 -13.33 13.18
C PRO A 220 0.28 -13.41 14.11
N SER A 221 -0.79 -14.05 13.64
CA SER A 221 -1.97 -14.31 14.44
C SER A 221 -2.97 -15.16 13.67
N HIS A 222 -3.87 -15.82 14.38
CA HIS A 222 -4.99 -16.49 13.74
C HIS A 222 -6.14 -16.59 14.72
N THR A 223 -7.23 -17.23 14.29
CA THR A 223 -8.43 -17.33 15.09
C THR A 223 -8.15 -17.94 16.45
N GLY A 224 -7.47 -19.08 16.43
CA GLY A 224 -7.15 -19.78 17.66
C GLY A 224 -6.02 -19.20 18.46
N THR A 225 -5.45 -18.09 18.02
CA THR A 225 -4.33 -17.50 18.75
C THR A 225 -4.83 -16.86 20.04
N SER A 226 -4.11 -17.11 21.13
CA SER A 226 -4.47 -16.57 22.43
C SER A 226 -3.38 -15.64 22.93
N GLY A 227 -3.76 -14.73 23.81
CA GLY A 227 -2.86 -13.67 24.24
C GLY A 227 -2.93 -12.49 23.30
N THR A 228 -1.82 -11.78 23.13
CA THR A 228 -1.83 -10.65 22.22
C THR A 228 -0.74 -10.81 21.16
N PRO A 229 -1.03 -10.45 19.92
CA PRO A 229 -0.02 -10.58 18.85
C PRO A 229 1.12 -9.59 18.96
N THR A 230 1.00 -8.52 19.75
CA THR A 230 2.01 -7.48 19.87
C THR A 230 2.24 -6.78 18.53
N ASN A 231 1.24 -5.97 18.16
CA ASN A 231 1.32 -5.07 17.02
C ASN A 231 1.76 -3.69 17.49
N ILE A 232 2.90 -3.22 16.99
CA ILE A 232 3.46 -1.95 17.45
C ILE A 232 3.93 -1.11 16.27
N TYR A 233 3.86 0.20 16.46
CA TYR A 233 4.47 1.17 15.57
C TYR A 233 5.91 1.29 16.03
N HIS A 234 6.73 2.12 15.37
CA HIS A 234 8.12 2.21 15.79
C HIS A 234 8.85 3.48 15.35
N GLY A 235 8.21 4.64 15.50
CA GLY A 235 8.86 5.91 15.22
C GLY A 235 9.48 6.04 13.85
N THR A 236 10.58 6.78 13.77
CA THR A 236 11.28 6.99 12.51
C THR A 236 12.79 7.01 12.75
N ASP A 237 13.52 6.23 11.96
CA ASP A 237 14.96 6.29 12.01
C ASP A 237 15.41 7.67 11.54
N PRO A 238 16.00 8.49 12.38
CA PRO A 238 16.43 9.81 11.93
C PRO A 238 17.58 9.76 10.94
N ASP A 239 18.28 8.63 10.87
CA ASP A 239 19.44 8.53 10.00
C ASP A 239 19.11 8.88 8.56
N ASP A 240 17.89 8.57 8.12
CA ASP A 240 17.53 8.63 6.71
C ASP A 240 16.20 9.35 6.57
N VAL A 241 16.20 10.53 5.96
CA VAL A 241 14.98 11.31 5.77
C VAL A 241 15.03 12.01 4.42
N GLN A 242 13.94 11.94 3.66
CA GLN A 242 13.82 12.64 2.38
C GLN A 242 12.52 13.42 2.38
N PHE A 243 12.63 14.75 2.34
CA PHE A 243 11.49 15.64 2.30
C PHE A 243 11.17 16.12 0.89
N TYR A 244 11.70 15.48 -0.15
CA TYR A 244 11.95 16.13 -1.44
C TYR A 244 10.83 17.10 -1.80
N THR A 245 11.21 18.33 -2.12
CA THR A 245 10.26 19.39 -2.41
C THR A 245 10.70 20.12 -3.66
N ILE A 246 9.86 20.07 -4.70
CA ILE A 246 10.30 20.43 -6.04
C ILE A 246 10.74 21.88 -6.10
N GLU A 247 10.08 22.75 -5.33
CA GLU A 247 10.47 24.16 -5.32
C GLU A 247 11.90 24.34 -4.86
N ASN A 248 12.48 23.34 -4.22
CA ASN A 248 13.89 23.37 -3.84
C ASN A 248 14.78 22.79 -4.91
N SER A 249 14.23 22.39 -6.05
CA SER A 249 15.00 21.66 -7.04
C SER A 249 14.88 22.22 -8.45
N VAL A 250 13.66 22.23 -8.97
CA VAL A 250 13.41 22.28 -10.41
C VAL A 250 12.75 23.61 -10.75
N PRO A 251 13.04 24.21 -11.91
CA PRO A 251 12.45 25.52 -12.21
C PRO A 251 10.95 25.43 -12.39
N VAL A 252 10.32 26.58 -12.59
CA VAL A 252 8.88 26.66 -12.78
C VAL A 252 8.58 27.78 -13.75
N HIS A 253 8.19 27.44 -14.97
CA HIS A 253 7.73 28.46 -15.89
C HIS A 253 6.40 28.90 -15.32
N LEU A 254 6.12 30.19 -15.36
CA LEU A 254 4.84 30.69 -14.88
C LEU A 254 4.06 31.17 -16.09
N LEU A 255 2.73 31.04 -16.05
CA LEU A 255 1.91 31.38 -17.20
C LEU A 255 0.68 32.15 -16.79
N ARG A 256 0.55 33.36 -17.29
CA ARG A 256 -0.75 33.92 -17.61
C ARG A 256 -1.06 33.45 -19.03
N THR A 257 -2.24 33.78 -19.54
CA THR A 257 -2.58 33.06 -20.76
C THR A 257 -2.72 33.82 -22.05
N GLY A 258 -1.65 33.91 -22.82
CA GLY A 258 -1.70 33.63 -24.23
C GLY A 258 -0.72 32.50 -24.46
N ASP A 259 0.11 32.32 -23.45
CA ASP A 259 1.40 31.68 -23.62
C ASP A 259 1.30 30.17 -23.62
N GLU A 260 2.30 29.54 -24.21
CA GLU A 260 2.38 28.09 -24.28
C GLU A 260 3.67 27.61 -23.64
N PHE A 261 3.70 26.31 -23.34
CA PHE A 261 4.89 25.67 -22.81
C PHE A 261 5.08 24.34 -23.51
N ALA A 262 6.31 24.05 -23.92
CA ALA A 262 6.59 22.84 -24.67
C ALA A 262 7.89 22.22 -24.18
N THR A 263 7.82 20.95 -23.77
CA THR A 263 9.00 20.19 -23.45
C THR A 263 9.55 19.58 -24.73
N GLY A 264 10.85 19.72 -24.95
CA GLY A 264 11.49 19.01 -26.03
C GLY A 264 11.41 17.50 -25.84
N THR A 265 11.78 16.78 -26.88
CA THR A 265 11.60 15.34 -26.88
C THR A 265 12.81 14.65 -26.26
N PHE A 266 12.56 13.79 -25.28
CA PHE A 266 13.60 12.98 -24.65
C PHE A 266 13.42 11.55 -25.09
N PHE A 267 14.46 10.97 -25.70
CA PHE A 267 14.30 9.65 -26.30
C PHE A 267 14.16 8.59 -25.22
N PHE A 268 13.94 7.35 -25.65
CA PHE A 268 14.00 6.20 -24.78
C PHE A 268 15.30 5.44 -25.00
N ASP A 269 15.51 4.45 -24.14
CA ASP A 269 16.50 3.41 -24.34
C ASP A 269 15.81 2.11 -23.95
N CYS A 270 15.56 1.23 -24.91
CA CYS A 270 14.99 -0.06 -24.54
C CYS A 270 15.42 -1.13 -25.54
N LYS A 271 15.10 -2.30 -25.21
CA LYS A 271 14.99 -3.64 -25.77
C LYS A 271 13.56 -3.87 -26.25
N PRO A 272 13.38 -4.67 -27.28
CA PRO A 272 12.03 -4.86 -27.81
C PRO A 272 11.16 -5.71 -26.90
N CYS A 273 9.90 -5.88 -27.27
CA CYS A 273 9.00 -6.84 -26.65
C CYS A 273 8.30 -7.65 -27.72
N ARG A 274 8.19 -8.94 -27.47
CA ARG A 274 7.53 -9.85 -28.41
C ARG A 274 6.04 -9.82 -28.12
N LEU A 275 5.24 -9.80 -29.19
CA LEU A 275 3.81 -9.92 -29.10
C LEU A 275 3.34 -11.34 -29.26
N THR A 276 4.27 -12.29 -29.29
CA THR A 276 3.97 -13.65 -29.66
C THR A 276 4.28 -14.62 -28.53
N HIS A 277 3.24 -15.18 -27.91
CA HIS A 277 3.44 -16.07 -26.77
C HIS A 277 4.01 -17.41 -27.20
N THR A 278 4.65 -18.09 -26.27
CA THR A 278 5.33 -19.33 -26.57
C THR A 278 4.58 -20.50 -25.98
N TRP A 279 3.98 -21.33 -26.83
CA TRP A 279 3.13 -22.40 -26.33
C TRP A 279 3.94 -23.58 -25.85
N GLN A 280 5.05 -23.89 -26.51
CA GLN A 280 5.81 -25.08 -26.18
C GLN A 280 6.22 -25.07 -24.72
N THR A 281 5.91 -26.15 -24.03
CA THR A 281 6.28 -26.38 -22.65
C THR A 281 7.33 -27.48 -22.64
N ASN A 282 7.71 -27.94 -21.45
CA ASN A 282 8.85 -28.85 -21.40
C ASN A 282 8.59 -30.15 -22.13
N ARG A 283 7.36 -30.39 -22.60
CA ARG A 283 7.11 -31.55 -23.44
C ARG A 283 7.67 -31.38 -24.84
N ALA A 284 7.49 -30.20 -25.42
CA ALA A 284 7.82 -29.99 -26.81
C ALA A 284 9.29 -29.69 -27.04
N LEU A 285 10.11 -29.72 -26.02
CA LEU A 285 11.53 -29.46 -26.21
C LEU A 285 12.18 -30.80 -26.46
N GLY A 286 12.54 -31.04 -27.71
CA GLY A 286 13.21 -32.27 -28.08
C GLY A 286 12.71 -32.74 -29.43
N LEU A 287 13.12 -33.95 -29.76
CA LEU A 287 12.58 -34.67 -30.89
C LEU A 287 11.76 -35.83 -30.35
N PRO A 288 10.49 -35.96 -30.72
CA PRO A 288 9.65 -36.96 -30.07
C PRO A 288 10.11 -38.36 -30.43
N PRO A 289 9.82 -39.35 -29.59
CA PRO A 289 10.21 -40.72 -29.90
C PRO A 289 9.55 -41.23 -31.17
N PHE A 290 10.14 -42.27 -31.75
CA PHE A 290 9.71 -42.81 -33.04
C PHE A 290 8.70 -43.92 -32.86
N LEU A 291 7.50 -43.74 -33.42
CA LEU A 291 6.50 -44.78 -33.41
C LEU A 291 6.96 -45.95 -34.27
N ASN A 292 6.84 -47.17 -33.74
CA ASN A 292 7.14 -48.35 -34.53
C ASN A 292 5.90 -48.93 -35.20
N SER A 293 4.71 -48.48 -34.83
CA SER A 293 3.48 -48.94 -35.47
C SER A 293 2.51 -47.77 -35.59
N LEU A 294 1.99 -47.59 -36.78
CA LEU A 294 1.11 -46.46 -37.08
C LEU A 294 -0.33 -46.91 -37.09
N PRO A 295 -1.24 -46.19 -36.44
CA PRO A 295 -2.64 -46.62 -36.37
C PRO A 295 -3.30 -46.66 -37.74
N GLN A 296 -4.57 -47.07 -37.80
CA GLN A 296 -5.20 -47.36 -39.08
C GLN A 296 -6.47 -46.54 -39.32
N SER A 297 -7.58 -46.87 -38.66
CA SER A 297 -8.87 -46.36 -39.11
C SER A 297 -9.04 -44.88 -38.80
N GLU A 298 -9.84 -44.20 -39.63
CA GLU A 298 -10.17 -42.80 -39.40
C GLU A 298 -11.24 -42.69 -38.31
N GLY A 299 -11.24 -41.54 -37.65
CA GLY A 299 -12.04 -41.33 -36.48
C GLY A 299 -11.32 -41.85 -35.26
N ASP A 300 -11.51 -41.19 -34.13
CA ASP A 300 -10.58 -41.51 -33.08
C ASP A 300 -11.10 -41.87 -31.71
N THR A 301 -11.02 -43.17 -31.45
CA THR A 301 -10.20 -43.65 -30.36
C THR A 301 -9.22 -44.49 -31.16
N ASN A 302 -8.09 -43.89 -31.51
CA ASN A 302 -7.06 -44.57 -32.30
C ASN A 302 -5.72 -44.12 -31.76
N PHE A 303 -4.97 -45.05 -31.20
CA PHE A 303 -3.80 -44.70 -30.42
C PHE A 303 -2.61 -45.45 -30.97
N GLY A 304 -1.61 -44.72 -31.44
CA GLY A 304 -0.38 -45.35 -31.89
C GLY A 304 0.34 -46.02 -30.75
N ASP A 305 1.41 -46.71 -31.11
CA ASP A 305 2.19 -47.47 -30.14
C ASP A 305 3.65 -47.05 -30.22
N ILE A 306 4.28 -46.90 -29.05
CA ILE A 306 5.69 -46.60 -29.01
C ILE A 306 6.50 -47.75 -29.58
N GLY A 307 5.91 -48.95 -29.61
CA GLY A 307 6.42 -50.05 -30.39
C GLY A 307 7.51 -50.87 -29.74
N VAL A 308 8.18 -50.34 -28.72
CA VAL A 308 9.17 -51.12 -28.01
C VAL A 308 8.61 -51.28 -26.60
N GLN A 309 9.28 -52.05 -25.76
CA GLN A 309 8.90 -52.08 -24.36
C GLN A 309 9.54 -50.88 -23.65
N GLN A 310 9.24 -50.71 -22.36
CA GLN A 310 9.83 -49.63 -21.60
C GLN A 310 11.29 -49.90 -21.28
N ASP A 311 11.71 -51.15 -21.30
CA ASP A 311 13.05 -51.51 -20.86
C ASP A 311 14.09 -51.25 -21.93
N LYS A 312 13.79 -51.61 -23.18
CA LYS A 312 14.80 -51.64 -24.22
C LYS A 312 14.96 -50.32 -24.94
N ARG A 313 14.27 -49.26 -24.53
CA ARG A 313 14.39 -48.01 -25.27
C ARG A 313 15.80 -47.46 -25.15
N ARG A 314 16.15 -46.61 -26.11
CA ARG A 314 17.52 -46.12 -26.25
C ARG A 314 17.50 -44.60 -26.32
N GLY A 315 18.31 -43.96 -25.50
CA GLY A 315 18.34 -42.51 -25.48
C GLY A 315 19.06 -42.00 -24.25
N VAL A 316 19.23 -40.68 -24.23
CA VAL A 316 19.86 -40.03 -23.09
C VAL A 316 18.84 -39.89 -21.98
N THR A 317 19.32 -39.85 -20.74
CA THR A 317 18.44 -39.69 -19.60
C THR A 317 19.21 -39.19 -18.40
N GLN A 318 18.46 -38.64 -17.45
CA GLN A 318 18.97 -38.31 -16.13
C GLN A 318 18.02 -38.92 -15.11
N MET A 319 18.50 -39.92 -14.36
CA MET A 319 17.64 -40.61 -13.40
C MET A 319 18.46 -41.68 -12.70
N GLY A 320 17.96 -42.11 -11.54
CA GLY A 320 18.74 -42.92 -10.62
C GLY A 320 19.04 -44.31 -11.11
N ASN A 321 18.05 -45.02 -11.61
CA ASN A 321 18.29 -46.25 -12.33
C ASN A 321 17.32 -46.30 -13.49
N THR A 322 17.84 -46.34 -14.70
CA THR A 322 16.95 -46.39 -15.85
C THR A 322 17.07 -47.76 -16.48
N ASN A 323 16.08 -48.57 -16.24
CA ASN A 323 15.57 -49.43 -17.30
C ASN A 323 14.40 -48.75 -17.96
N TYR A 324 14.11 -47.51 -17.54
CA TYR A 324 12.94 -46.76 -17.99
C TYR A 324 13.40 -45.47 -18.63
N ILE A 325 12.94 -45.24 -19.86
CA ILE A 325 13.09 -43.96 -20.54
C ILE A 325 11.73 -43.63 -21.13
N THR A 326 11.11 -42.57 -20.65
CA THR A 326 9.72 -42.30 -20.90
C THR A 326 9.57 -41.11 -21.84
N GLU A 327 8.32 -40.78 -22.14
CA GLU A 327 8.06 -39.45 -22.67
C GLU A 327 8.29 -38.39 -21.61
N ALA A 328 8.17 -38.76 -20.34
CA ALA A 328 8.34 -37.80 -19.24
C ALA A 328 9.81 -37.71 -18.86
N THR A 329 10.34 -38.78 -18.30
CA THR A 329 11.74 -38.77 -17.92
C THR A 329 12.60 -38.77 -19.16
N ILE A 330 13.45 -37.75 -19.29
CA ILE A 330 14.38 -37.63 -20.40
C ILE A 330 15.10 -36.31 -20.19
N MET A 331 16.24 -36.13 -20.83
CA MET A 331 16.98 -34.90 -20.65
C MET A 331 16.39 -33.82 -21.55
N ARG A 332 16.11 -32.67 -20.97
CA ARG A 332 15.62 -31.55 -21.75
C ARG A 332 16.64 -30.42 -21.70
N PRO A 333 16.79 -29.66 -22.78
CA PRO A 333 17.82 -28.61 -22.80
C PRO A 333 17.76 -27.65 -21.63
N ALA A 334 16.58 -27.38 -21.08
CA ALA A 334 16.41 -26.57 -19.89
C ALA A 334 14.92 -26.54 -19.59
N GLU A 335 14.58 -25.95 -18.45
CA GLU A 335 13.18 -25.90 -18.03
C GLU A 335 12.47 -24.72 -18.66
N VAL A 336 11.23 -24.52 -18.26
CA VAL A 336 10.44 -23.35 -18.63
C VAL A 336 9.67 -22.90 -17.39
N GLY A 337 9.72 -21.61 -17.10
CA GLY A 337 9.05 -21.07 -15.93
C GLY A 337 9.71 -21.56 -14.65
N TYR A 338 9.11 -21.19 -13.53
CA TYR A 338 9.64 -21.59 -12.24
C TYR A 338 8.51 -21.79 -11.25
N SER A 339 8.61 -22.83 -10.42
CA SER A 339 7.64 -23.05 -9.36
C SER A 339 7.97 -22.13 -8.20
N ALA A 340 7.06 -21.24 -7.87
CA ALA A 340 7.38 -20.27 -6.83
C ALA A 340 6.47 -20.46 -5.64
N PRO A 341 6.96 -20.18 -4.43
CA PRO A 341 6.07 -20.19 -3.27
C PRO A 341 5.01 -19.11 -3.45
N TYR A 342 3.75 -19.50 -3.31
CA TYR A 342 2.64 -18.58 -3.54
C TYR A 342 1.93 -18.26 -2.25
N TYR A 343 1.52 -17.00 -2.12
CA TYR A 343 0.95 -16.47 -0.89
C TYR A 343 1.88 -16.73 0.29
N SER A 344 3.05 -16.10 0.22
CA SER A 344 4.03 -16.11 1.29
C SER A 344 4.49 -14.68 1.49
N PHE A 345 4.23 -14.13 2.66
CA PHE A 345 4.52 -12.73 2.92
C PHE A 345 5.76 -12.63 3.79
N GLU A 346 6.86 -12.16 3.19
CA GLU A 346 8.09 -11.91 3.91
C GLU A 346 8.03 -10.56 4.61
N ALA A 347 8.70 -10.46 5.75
CA ALA A 347 8.62 -9.28 6.60
C ALA A 347 9.85 -8.39 6.43
N SER A 348 9.62 -7.09 6.54
CA SER A 348 10.62 -6.07 6.28
C SER A 348 10.22 -4.82 7.05
N THR A 349 10.81 -3.69 6.68
CA THR A 349 10.44 -2.40 7.25
C THR A 349 8.93 -2.24 7.37
N GLN A 350 8.22 -2.56 6.30
CA GLN A 350 6.76 -2.58 6.31
C GLN A 350 6.19 -3.90 6.80
N GLY A 351 7.03 -4.86 7.16
CA GLY A 351 6.53 -6.14 7.57
C GLY A 351 5.83 -6.85 6.44
N PRO A 352 4.55 -7.17 6.64
CA PRO A 352 3.84 -7.99 5.68
C PRO A 352 3.73 -7.32 4.32
N PHE A 353 4.08 -8.08 3.28
CA PHE A 353 3.79 -7.71 1.91
C PHE A 353 3.88 -8.96 1.05
N LYS A 354 3.28 -8.90 -0.13
CA LYS A 354 3.19 -10.06 -0.98
C LYS A 354 4.42 -10.19 -1.87
N THR A 355 4.86 -11.43 -2.07
CA THR A 355 6.02 -11.74 -2.90
C THR A 355 5.55 -12.04 -4.31
N PRO A 356 5.81 -11.18 -5.29
CA PRO A 356 5.18 -11.34 -6.61
C PRO A 356 5.63 -12.57 -7.38
N ILE A 357 5.01 -12.78 -8.54
CA ILE A 357 5.22 -13.95 -9.37
C ILE A 357 5.33 -13.47 -10.81
N ALA A 358 6.27 -14.02 -11.56
CA ALA A 358 6.52 -13.55 -12.91
C ALA A 358 5.83 -14.38 -13.98
N ALA A 359 5.17 -15.48 -13.64
CA ALA A 359 4.62 -16.36 -14.65
C ALA A 359 3.12 -16.20 -14.75
N GLY A 360 2.53 -16.93 -15.71
CA GLY A 360 1.10 -17.01 -15.85
C GLY A 360 0.57 -18.36 -15.35
N ARG A 361 -0.74 -18.44 -15.29
CA ARG A 361 -1.42 -19.64 -14.81
C ARG A 361 -1.71 -20.63 -15.92
N GLY A 362 -1.25 -20.35 -17.13
CA GLY A 362 -1.51 -21.20 -18.27
C GLY A 362 -1.21 -22.65 -18.01
N GLY A 363 -2.10 -23.54 -18.43
CA GLY A 363 -2.03 -24.95 -18.12
C GLY A 363 -2.86 -25.35 -16.93
N ALA A 364 -3.18 -24.40 -16.04
CA ALA A 364 -4.02 -24.67 -14.87
C ALA A 364 -5.42 -24.15 -15.18
N GLN A 365 -6.33 -25.07 -15.45
CA GLN A 365 -7.72 -24.71 -15.71
C GLN A 365 -8.64 -24.86 -14.51
N THR A 366 -8.20 -25.55 -13.45
CA THR A 366 -9.07 -25.83 -12.32
C THR A 366 -8.95 -24.78 -11.21
N ASP A 367 -7.90 -23.96 -11.22
CA ASP A 367 -7.68 -22.96 -10.19
C ASP A 367 -7.99 -21.59 -10.78
N GLU A 368 -9.07 -20.97 -10.33
CA GLU A 368 -9.32 -19.60 -10.75
C GLU A 368 -9.40 -18.64 -9.56
N ASN A 369 -10.53 -18.63 -8.86
CA ASN A 369 -10.81 -17.57 -7.89
C ASN A 369 -10.59 -16.24 -8.60
N GLN A 370 -9.58 -15.48 -8.17
CA GLN A 370 -9.00 -14.43 -9.00
C GLN A 370 -7.51 -14.72 -9.03
N ALA A 371 -6.97 -15.12 -10.19
CA ALA A 371 -5.52 -15.16 -10.36
C ALA A 371 -4.86 -16.08 -9.30
N ALA A 372 -5.05 -17.39 -9.49
CA ALA A 372 -4.67 -18.36 -8.47
C ALA A 372 -3.16 -18.43 -8.32
N ASP A 373 -2.45 -18.88 -9.35
CA ASP A 373 -1.00 -18.84 -9.35
C ASP A 373 -0.48 -17.44 -9.65
N GLY A 374 -1.40 -16.52 -9.82
CA GLY A 374 -1.22 -15.12 -10.12
C GLY A 374 -1.49 -14.86 -11.59
N ASN A 375 -2.33 -13.88 -11.82
CA ASN A 375 -2.82 -13.42 -13.09
C ASN A 375 -3.26 -11.98 -12.91
N PRO A 376 -2.37 -10.99 -12.98
CA PRO A 376 -2.66 -9.69 -12.37
C PRO A 376 -4.06 -9.21 -12.72
N ARG A 377 -4.81 -8.81 -11.69
CA ARG A 377 -6.23 -8.51 -11.83
C ARG A 377 -6.49 -7.05 -11.52
N TYR A 378 -6.89 -6.30 -12.55
CA TYR A 378 -7.10 -4.87 -12.44
C TYR A 378 -8.46 -4.60 -11.82
N ALA A 379 -8.52 -3.61 -10.94
CA ALA A 379 -9.78 -3.10 -10.41
C ALA A 379 -9.79 -1.59 -10.57
N PHE A 380 -10.67 -1.10 -11.44
CA PHE A 380 -10.81 0.31 -11.71
C PHE A 380 -12.27 0.69 -11.63
N GLY A 381 -12.59 1.94 -11.92
CA GLY A 381 -13.99 2.30 -11.97
C GLY A 381 -14.34 3.67 -12.52
N ARG A 382 -15.56 3.77 -13.05
CA ARG A 382 -16.21 5.02 -13.38
C ARG A 382 -15.52 5.76 -14.51
N GLN A 383 -14.32 5.33 -14.88
CA GLN A 383 -13.50 6.12 -15.78
C GLN A 383 -13.05 5.34 -17.01
N HIS A 384 -13.14 4.02 -16.96
CA HIS A 384 -12.70 3.24 -18.10
C HIS A 384 -13.52 1.97 -18.18
N GLY A 385 -14.75 2.03 -17.70
CA GLY A 385 -15.59 0.86 -17.71
C GLY A 385 -16.69 1.02 -16.69
N GLN A 386 -17.28 -0.11 -16.29
CA GLN A 386 -18.44 -0.12 -15.41
C GLN A 386 -19.41 0.96 -15.89
N LYS A 387 -20.16 0.61 -16.94
CA LYS A 387 -20.56 1.54 -17.99
C LYS A 387 -21.02 2.88 -17.43
N THR A 388 -20.64 3.94 -18.13
CA THR A 388 -20.48 5.27 -17.56
C THR A 388 -21.73 5.83 -16.92
N THR A 389 -22.88 5.19 -17.07
CA THR A 389 -24.01 5.45 -16.18
C THR A 389 -24.03 4.33 -15.15
N THR A 390 -23.60 4.64 -13.94
CA THR A 390 -23.65 3.69 -12.84
C THR A 390 -24.09 4.45 -11.61
N THR A 391 -25.24 4.07 -11.05
CA THR A 391 -25.75 4.78 -9.89
C THR A 391 -24.85 4.53 -8.69
N GLY A 392 -24.68 5.56 -7.87
CA GLY A 392 -23.73 5.46 -6.78
C GLY A 392 -22.34 5.14 -7.31
N GLU A 393 -21.66 4.22 -6.63
CA GLU A 393 -20.40 3.72 -7.13
C GLU A 393 -20.15 2.34 -6.56
N THR A 394 -19.20 1.65 -7.18
CA THR A 394 -18.84 0.27 -6.91
C THR A 394 -17.68 -0.03 -7.83
N PRO A 395 -16.65 -0.72 -7.39
CA PRO A 395 -15.52 -0.98 -8.29
C PRO A 395 -15.88 -1.90 -9.44
N GLU A 396 -14.92 -2.11 -10.33
CA GLU A 396 -15.07 -2.99 -11.48
C GLU A 396 -13.89 -3.94 -11.50
N ARG A 397 -14.16 -5.21 -11.76
CA ARG A 397 -13.13 -6.22 -11.59
C ARG A 397 -13.22 -7.30 -12.66
N PHE A 398 -12.09 -7.64 -13.24
CA PHE A 398 -11.98 -8.79 -14.13
C PHE A 398 -10.62 -9.42 -13.94
N THR A 399 -10.60 -10.75 -13.87
CA THR A 399 -9.33 -11.46 -13.78
C THR A 399 -8.72 -11.56 -15.17
N TYR A 400 -7.54 -11.00 -15.34
CA TYR A 400 -6.83 -11.11 -16.61
C TYR A 400 -5.90 -12.29 -16.53
N ILE A 401 -6.21 -13.34 -17.28
CA ILE A 401 -5.36 -14.52 -17.31
C ILE A 401 -4.16 -14.22 -18.17
N ALA A 402 -3.26 -15.18 -18.30
CA ALA A 402 -2.23 -15.09 -19.30
C ALA A 402 -2.71 -15.88 -20.50
N HIS A 403 -2.18 -15.57 -21.68
CA HIS A 403 -2.53 -16.36 -22.85
C HIS A 403 -1.35 -17.27 -23.12
N GLN A 404 -0.27 -17.01 -22.40
CA GLN A 404 0.90 -17.88 -22.46
C GLN A 404 0.68 -19.11 -21.59
N ASP A 405 1.14 -20.26 -22.08
CA ASP A 405 0.72 -21.56 -21.58
C ASP A 405 1.66 -22.16 -20.54
N THR A 406 2.65 -21.43 -20.04
CA THR A 406 3.70 -22.12 -19.29
C THR A 406 3.10 -22.67 -17.99
N GLY A 407 3.09 -24.00 -17.87
CA GLY A 407 2.44 -24.64 -16.75
C GLY A 407 3.22 -24.53 -15.47
N ARG A 408 2.67 -23.84 -14.48
CA ARG A 408 3.13 -23.91 -13.11
C ARG A 408 2.21 -24.70 -12.19
N TYR A 409 1.22 -25.40 -12.76
CA TYR A 409 0.10 -25.98 -12.02
C TYR A 409 0.61 -26.83 -10.87
N PRO A 410 0.35 -26.39 -9.63
CA PRO A 410 0.99 -27.05 -8.49
C PRO A 410 0.46 -28.43 -8.22
N GLU A 411 -0.84 -28.65 -8.40
CA GLU A 411 -1.40 -29.97 -8.24
C GLU A 411 -0.70 -30.94 -9.19
N GLY A 412 -0.55 -32.18 -8.75
CA GLY A 412 0.16 -33.13 -9.57
C GLY A 412 1.66 -32.97 -9.54
N ASP A 413 2.22 -32.57 -8.41
CA ASP A 413 3.66 -32.52 -8.22
C ASP A 413 4.03 -33.26 -6.95
N TRP A 414 5.06 -34.09 -7.02
CA TRP A 414 5.54 -34.79 -5.84
C TRP A 414 6.94 -35.29 -6.11
N ILE A 415 7.49 -35.99 -5.13
CA ILE A 415 8.90 -36.34 -5.12
C ILE A 415 9.06 -37.79 -4.71
N GLN A 416 10.15 -38.39 -5.17
CA GLN A 416 10.44 -39.78 -4.87
C GLN A 416 11.81 -39.88 -4.23
N ASN A 417 12.07 -41.02 -3.61
CA ASN A 417 13.43 -41.33 -3.21
C ASN A 417 14.24 -41.66 -4.46
N ILE A 418 15.54 -41.88 -4.28
CA ILE A 418 16.41 -42.16 -5.43
C ILE A 418 16.39 -43.62 -5.84
N ASN A 419 15.65 -44.47 -5.13
CA ASN A 419 15.70 -45.89 -5.42
C ASN A 419 14.85 -46.26 -6.63
N PHE A 420 13.70 -45.61 -6.81
CA PHE A 420 12.76 -45.94 -7.88
C PHE A 420 12.35 -47.41 -7.82
N ASN A 421 11.58 -47.72 -6.78
CA ASN A 421 10.91 -49.01 -6.69
C ASN A 421 9.46 -48.80 -7.10
N LEU A 422 9.08 -49.35 -8.25
CA LEU A 422 7.77 -49.07 -8.80
C LEU A 422 6.99 -50.36 -9.01
N PRO A 423 5.69 -50.34 -8.72
CA PRO A 423 4.91 -49.20 -8.19
C PRO A 423 5.36 -48.80 -6.80
N VAL A 424 5.27 -47.52 -6.50
CA VAL A 424 5.87 -46.98 -5.29
C VAL A 424 4.88 -47.10 -4.13
N THR A 425 5.41 -47.35 -2.94
CA THR A 425 4.61 -47.50 -1.73
C THR A 425 4.49 -46.16 -1.00
N ASN A 426 3.31 -45.95 -0.40
CA ASN A 426 2.97 -44.65 0.18
C ASN A 426 4.03 -44.12 1.15
N ASP A 427 4.77 -45.01 1.80
CA ASP A 427 5.70 -44.55 2.81
C ASP A 427 6.99 -43.99 2.21
N ASN A 428 7.27 -44.25 0.94
CA ASN A 428 8.53 -43.85 0.35
C ASN A 428 8.46 -42.54 -0.44
N VAL A 429 7.27 -41.95 -0.58
CA VAL A 429 7.16 -40.72 -1.37
C VAL A 429 6.19 -39.73 -0.73
N LEU A 430 5.90 -38.66 -1.47
CA LEU A 430 5.09 -37.57 -0.99
C LEU A 430 3.89 -37.38 -1.90
N LEU A 431 2.92 -36.64 -1.40
CA LEU A 431 1.75 -36.21 -2.16
C LEU A 431 1.46 -34.78 -1.76
N PRO A 432 0.73 -34.03 -2.60
CA PRO A 432 0.17 -32.75 -2.14
C PRO A 432 -0.81 -32.89 -0.99
N THR A 433 -1.28 -34.10 -0.71
CA THR A 433 -2.23 -34.29 0.39
C THR A 433 -1.56 -34.42 1.75
N ASP A 434 -0.25 -34.31 1.83
CA ASP A 434 0.43 -34.56 3.09
C ASP A 434 0.73 -33.27 3.82
N PRO A 435 0.36 -33.18 5.09
CA PRO A 435 0.55 -31.94 5.84
C PRO A 435 2.00 -31.52 6.04
N ILE A 436 2.17 -30.38 6.70
CA ILE A 436 3.45 -29.92 7.23
C ILE A 436 3.22 -29.53 8.68
N GLY A 437 3.89 -30.22 9.59
CA GLY A 437 3.67 -29.96 11.00
C GLY A 437 2.26 -30.22 11.47
N GLY A 438 1.47 -30.94 10.67
CA GLY A 438 0.10 -31.25 11.05
C GLY A 438 -0.94 -30.27 10.54
N LYS A 439 -0.65 -29.53 9.48
CA LYS A 439 -1.59 -28.54 8.97
C LYS A 439 -2.37 -29.14 7.78
N THR A 440 -3.16 -28.31 7.11
CA THR A 440 -3.99 -28.82 6.03
C THR A 440 -3.84 -27.99 4.76
N GLY A 441 -4.17 -26.69 4.85
CA GLY A 441 -4.08 -25.83 3.67
C GLY A 441 -2.75 -25.90 2.98
N ILE A 442 -1.66 -25.84 3.76
CA ILE A 442 -0.34 -26.09 3.21
C ILE A 442 -0.30 -27.52 2.70
N ASN A 443 0.43 -27.76 1.61
CA ASN A 443 0.59 -29.13 1.18
C ASN A 443 2.03 -29.53 1.50
N TYR A 444 2.94 -29.51 0.55
CA TYR A 444 4.28 -28.98 0.73
C TYR A 444 4.51 -27.76 -0.14
N THR A 445 3.59 -27.47 -1.05
CA THR A 445 3.90 -26.64 -2.19
C THR A 445 4.06 -25.18 -1.81
N ASN A 446 3.59 -24.79 -0.64
CA ASN A 446 3.72 -23.42 -0.23
C ASN A 446 5.15 -23.08 0.18
N ILE A 447 5.95 -24.07 0.53
CA ILE A 447 7.38 -23.88 0.70
C ILE A 447 8.07 -24.69 -0.39
N PHE A 448 8.52 -24.01 -1.43
CA PHE A 448 9.32 -24.61 -2.48
C PHE A 448 9.93 -23.47 -3.27
N ASN A 449 11.04 -23.73 -3.95
CA ASN A 449 11.49 -22.82 -4.98
C ASN A 449 12.47 -23.53 -5.89
N THR A 450 12.58 -23.05 -7.13
CA THR A 450 13.64 -23.58 -7.97
C THR A 450 14.48 -22.47 -8.61
N TYR A 451 14.00 -21.98 -9.74
CA TYR A 451 14.51 -20.84 -10.47
C TYR A 451 15.94 -20.96 -10.98
N GLY A 452 16.75 -21.82 -10.38
CA GLY A 452 18.15 -21.49 -10.34
C GLY A 452 18.97 -21.58 -11.62
N PRO A 453 19.32 -22.77 -12.06
CA PRO A 453 20.22 -22.87 -13.20
C PRO A 453 19.59 -22.66 -14.57
N LEU A 454 18.52 -23.40 -14.81
CA LEU A 454 18.06 -23.64 -16.17
C LEU A 454 16.85 -22.81 -16.55
N THR A 455 16.31 -22.04 -15.62
CA THR A 455 15.01 -21.44 -15.83
C THR A 455 15.08 -20.29 -16.80
N ALA A 456 13.91 -19.92 -17.31
CA ALA A 456 13.71 -18.82 -18.21
C ALA A 456 12.22 -18.65 -18.43
N LEU A 457 11.85 -17.50 -18.95
CA LEU A 457 10.45 -17.17 -19.15
C LEU A 457 10.40 -15.98 -20.10
N ASN A 458 9.19 -15.58 -20.45
CA ASN A 458 9.03 -14.49 -21.40
C ASN A 458 8.56 -13.25 -20.67
N ASN A 459 8.98 -12.09 -21.19
CA ASN A 459 8.63 -10.82 -20.58
C ASN A 459 7.12 -10.67 -20.48
N VAL A 460 6.67 -10.03 -19.41
CA VAL A 460 5.24 -9.98 -19.10
C VAL A 460 4.48 -9.36 -20.27
N PRO A 461 3.38 -9.95 -20.73
CA PRO A 461 2.67 -9.40 -21.86
C PRO A 461 1.96 -8.12 -21.48
N PRO A 462 1.97 -7.12 -22.37
CA PRO A 462 1.22 -5.89 -22.09
C PRO A 462 -0.26 -6.16 -22.06
N VAL A 463 -0.97 -5.33 -21.31
CA VAL A 463 -2.40 -5.48 -21.08
C VAL A 463 -3.03 -4.14 -21.45
N TYR A 464 -4.35 -4.10 -21.51
CA TYR A 464 -5.01 -3.04 -22.23
C TYR A 464 -6.52 -2.99 -22.06
N PRO A 465 -7.07 -1.78 -21.98
CA PRO A 465 -6.29 -0.57 -21.77
C PRO A 465 -6.21 -0.11 -20.32
N ASN A 466 -5.90 -0.98 -19.38
CA ASN A 466 -5.62 -0.55 -18.02
C ASN A 466 -4.15 -0.61 -17.67
N GLY A 467 -3.30 -1.08 -18.58
CA GLY A 467 -1.91 -1.39 -18.26
C GLY A 467 -1.01 -0.18 -18.23
N GLN A 468 0.28 -0.44 -18.32
CA GLN A 468 1.30 0.60 -18.21
C GLN A 468 2.26 0.50 -19.39
N ILE A 469 2.90 1.62 -19.70
CA ILE A 469 3.73 1.73 -20.89
C ILE A 469 5.18 1.44 -20.54
N TRP A 470 5.81 2.39 -19.86
CA TRP A 470 7.21 2.30 -19.51
C TRP A 470 7.35 2.36 -18.00
N ASP A 471 8.51 1.95 -17.52
CA ASP A 471 8.80 2.02 -16.09
C ASP A 471 10.24 2.37 -15.85
N LYS A 472 10.48 3.24 -14.88
CA LYS A 472 11.83 3.58 -14.51
C LYS A 472 12.52 2.36 -13.92
N GLU A 473 13.85 2.34 -14.02
CA GLU A 473 14.63 1.18 -13.65
C GLU A 473 15.33 1.42 -12.32
N PHE A 474 15.52 0.35 -11.55
CA PHE A 474 15.96 0.48 -10.17
C PHE A 474 17.34 1.10 -10.07
N ASP A 475 17.61 1.71 -8.92
CA ASP A 475 18.86 2.42 -8.74
C ASP A 475 20.02 1.49 -8.38
N THR A 476 19.77 0.37 -7.73
CA THR A 476 20.88 -0.46 -7.29
C THR A 476 21.55 -1.12 -8.49
N ASP A 477 22.60 -1.89 -8.22
CA ASP A 477 23.48 -2.37 -9.27
C ASP A 477 23.11 -3.73 -9.85
N LEU A 478 22.19 -4.46 -9.24
CA LEU A 478 21.92 -5.80 -9.72
C LEU A 478 20.74 -5.91 -10.67
N LYS A 479 19.91 -4.86 -10.80
CA LYS A 479 19.03 -4.71 -11.95
C LYS A 479 18.17 -5.93 -12.22
N PRO A 480 17.09 -6.14 -11.48
CA PRO A 480 16.25 -7.33 -11.68
C PRO A 480 15.93 -7.55 -13.15
N ARG A 481 15.88 -8.83 -13.54
CA ARG A 481 15.87 -9.18 -14.95
C ARG A 481 14.59 -8.75 -15.67
N LEU A 482 13.58 -8.28 -14.95
CA LEU A 482 12.34 -7.84 -15.57
C LEU A 482 11.46 -7.11 -14.56
N HIS A 483 10.19 -6.92 -14.90
CA HIS A 483 9.24 -6.41 -13.95
C HIS A 483 7.92 -7.09 -14.21
N VAL A 484 7.13 -7.33 -13.17
CA VAL A 484 5.81 -7.91 -13.38
C VAL A 484 4.82 -6.79 -13.59
N ASN A 485 5.32 -5.66 -14.08
CA ASN A 485 4.46 -4.53 -14.40
C ASN A 485 4.63 -4.14 -15.86
N ALA A 486 5.64 -3.50 -16.13
CA ALA A 486 5.67 -2.89 -17.45
C ALA A 486 6.34 -3.81 -18.47
N PRO A 487 5.91 -3.69 -19.72
CA PRO A 487 6.66 -4.38 -20.78
C PRO A 487 8.05 -3.83 -20.99
N PHE A 488 8.20 -2.51 -20.97
CA PHE A 488 9.43 -1.85 -21.39
C PHE A 488 10.07 -1.10 -20.24
N VAL A 489 11.39 -1.00 -20.28
CA VAL A 489 12.16 -0.40 -19.20
C VAL A 489 13.28 0.44 -19.81
N CYS A 490 13.39 1.69 -19.40
CA CYS A 490 14.53 2.49 -19.79
C CYS A 490 15.75 2.04 -19.00
N GLN A 491 16.78 1.60 -19.69
CA GLN A 491 17.97 1.12 -19.00
C GLN A 491 18.81 2.27 -18.45
N ASN A 492 18.67 3.46 -19.00
CA ASN A 492 19.38 4.62 -18.47
C ASN A 492 18.48 5.50 -17.63
N ASN A 493 17.64 6.29 -18.29
CA ASN A 493 16.68 7.12 -17.56
C ASN A 493 15.47 7.37 -18.42
N CYS A 494 14.28 7.33 -17.81
CA CYS A 494 13.02 7.59 -18.49
C CYS A 494 12.68 9.07 -18.43
N PRO A 495 11.85 9.55 -19.33
CA PRO A 495 11.41 10.95 -19.26
C PRO A 495 10.59 11.19 -18.00
N GLY A 496 10.56 12.45 -17.59
CA GLY A 496 9.94 12.84 -16.35
C GLY A 496 8.44 13.01 -16.49
N GLN A 497 7.86 13.69 -15.50
CA GLN A 497 6.43 13.94 -15.47
C GLN A 497 6.19 15.44 -15.66
N LEU A 498 4.92 15.83 -15.54
CA LEU A 498 4.50 17.21 -15.69
C LEU A 498 3.65 17.57 -14.48
N PHE A 499 4.16 18.50 -13.66
CA PHE A 499 3.48 18.93 -12.44
C PHE A 499 2.83 20.30 -12.66
N VAL A 500 1.68 20.51 -12.04
CA VAL A 500 0.94 21.75 -12.25
C VAL A 500 0.12 22.09 -11.01
N LYS A 501 0.02 23.38 -10.70
CA LYS A 501 -0.81 23.88 -9.62
C LYS A 501 -1.28 25.28 -9.94
N VAL A 502 -2.49 25.61 -9.47
CA VAL A 502 -2.97 26.98 -9.55
C VAL A 502 -2.06 27.90 -8.74
N ALA A 503 -1.90 29.14 -9.22
CA ALA A 503 -1.09 30.10 -8.47
C ALA A 503 -1.95 30.76 -7.38
N PRO A 504 -1.40 30.93 -6.18
CA PRO A 504 -2.22 31.42 -5.07
C PRO A 504 -2.58 32.90 -5.24
N ASN A 505 -3.57 33.31 -4.44
CA ASN A 505 -4.03 34.70 -4.41
C ASN A 505 -4.45 35.04 -2.99
N LEU A 506 -4.32 36.31 -2.64
CA LEU A 506 -4.74 36.81 -1.35
C LEU A 506 -5.55 38.08 -1.56
N THR A 507 -6.49 38.35 -0.64
CA THR A 507 -7.27 39.57 -0.83
C THR A 507 -6.65 40.72 -0.07
N ASN A 508 -6.98 40.88 1.20
CA ASN A 508 -6.11 41.62 2.10
C ASN A 508 -6.21 41.03 3.50
N GLN A 509 -5.14 40.34 3.90
CA GLN A 509 -4.79 39.96 5.26
C GLN A 509 -3.60 39.03 5.12
N TYR A 510 -2.81 38.83 6.17
CA TYR A 510 -1.71 37.89 6.08
C TYR A 510 -0.90 37.92 7.37
N ASP A 511 -0.13 36.85 7.59
CA ASP A 511 0.94 36.80 8.57
C ASP A 511 2.10 36.08 7.91
N PRO A 512 3.33 36.56 8.08
CA PRO A 512 4.48 35.97 7.38
C PRO A 512 4.91 34.62 7.94
N ASP A 513 5.10 33.67 7.03
CA ASP A 513 5.34 32.27 7.35
C ASP A 513 4.45 31.79 8.49
N ALA A 514 3.15 31.82 8.23
CA ALA A 514 2.15 31.44 9.21
C ALA A 514 1.41 30.19 8.73
N SER A 515 1.30 29.20 9.61
CA SER A 515 0.42 28.07 9.38
C SER A 515 -0.99 28.33 9.86
N ALA A 516 -1.30 29.55 10.28
CA ALA A 516 -2.68 29.92 10.49
C ALA A 516 -3.37 30.00 9.15
N ASN A 517 -4.67 30.28 9.15
CA ASN A 517 -5.47 30.16 7.95
C ASN A 517 -5.49 31.51 7.24
N MET A 518 -4.83 31.58 6.09
CA MET A 518 -4.90 32.75 5.23
C MET A 518 -6.09 32.60 4.29
N SER A 519 -6.82 33.69 4.08
CA SER A 519 -8.00 33.59 3.25
C SER A 519 -7.57 33.43 1.79
N ARG A 520 -8.56 33.22 0.94
CA ARG A 520 -8.23 32.83 -0.42
C ARG A 520 -9.43 33.10 -1.31
N ILE A 521 -9.17 33.22 -2.60
CA ILE A 521 -10.21 33.40 -3.60
C ILE A 521 -10.36 32.07 -4.32
N VAL A 522 -11.52 31.44 -4.17
CA VAL A 522 -11.68 30.11 -4.75
C VAL A 522 -11.68 30.25 -6.27
N THR A 523 -10.74 29.57 -6.92
CA THR A 523 -10.62 29.65 -8.37
C THR A 523 -10.38 28.26 -8.92
N TYR A 524 -10.34 28.17 -10.24
CA TYR A 524 -9.99 26.95 -10.93
C TYR A 524 -9.56 27.34 -12.33
N SER A 525 -8.85 26.44 -12.99
CA SER A 525 -8.33 26.78 -14.30
C SER A 525 -8.24 25.53 -15.16
N ASP A 526 -8.52 25.69 -16.45
CA ASP A 526 -8.48 24.60 -17.41
C ASP A 526 -7.40 24.84 -18.44
N PHE A 527 -6.75 23.77 -18.85
CA PHE A 527 -5.79 23.87 -19.93
C PHE A 527 -5.87 22.62 -20.80
N TRP A 528 -5.81 22.84 -22.11
CA TRP A 528 -5.73 21.71 -23.03
C TRP A 528 -4.38 21.03 -22.89
N TRP A 529 -4.33 19.77 -23.31
CA TRP A 529 -3.12 19.00 -23.26
C TRP A 529 -3.01 18.13 -24.50
N LYS A 530 -1.81 18.05 -25.05
CA LYS A 530 -1.55 17.24 -26.23
C LYS A 530 -0.46 16.23 -25.88
N GLY A 531 -0.36 15.18 -26.68
CA GLY A 531 0.68 14.20 -26.48
C GLY A 531 1.03 13.51 -27.77
N LYS A 532 2.28 13.03 -27.84
CA LYS A 532 2.80 12.37 -29.03
C LYS A 532 3.68 11.21 -28.59
N LEU A 533 3.62 10.12 -29.35
CA LEU A 533 4.43 8.95 -29.05
C LEU A 533 4.78 8.27 -30.37
N VAL A 534 5.99 7.72 -30.45
CA VAL A 534 6.51 7.15 -31.69
C VAL A 534 6.86 5.68 -31.45
N PHE A 535 6.41 4.82 -32.36
CA PHE A 535 6.68 3.40 -32.31
C PHE A 535 7.36 2.92 -33.58
N LYS A 536 7.91 1.72 -33.49
CA LYS A 536 8.53 1.05 -34.62
C LYS A 536 8.21 -0.43 -34.50
N ALA A 537 7.80 -1.06 -35.60
CA ALA A 537 7.31 -2.43 -35.55
C ALA A 537 7.61 -3.13 -36.86
N LYS A 538 7.52 -4.46 -36.83
CA LYS A 538 7.77 -5.29 -37.99
C LYS A 538 6.56 -6.16 -38.29
N LEU A 539 6.20 -6.25 -39.57
CA LEU A 539 5.12 -7.13 -39.97
C LEU A 539 5.54 -8.58 -39.86
N ARG A 540 4.66 -9.41 -39.31
CA ARG A 540 4.96 -10.83 -39.30
C ARG A 540 4.65 -11.42 -40.66
N ALA A 541 4.94 -12.70 -40.83
CA ALA A 541 4.74 -13.36 -42.11
C ALA A 541 4.37 -14.82 -41.87
N SER A 542 3.46 -15.33 -42.67
CA SER A 542 3.06 -16.72 -42.54
C SER A 542 4.17 -17.63 -43.05
N HIS A 543 4.19 -18.84 -42.53
CA HIS A 543 5.15 -19.83 -42.90
C HIS A 543 4.52 -21.12 -42.42
N THR A 544 3.30 -20.99 -41.93
CA THR A 544 2.55 -22.13 -41.43
C THR A 544 1.51 -22.52 -42.46
N TRP A 545 0.81 -23.62 -42.20
CA TRP A 545 -0.34 -24.00 -43.00
C TRP A 545 -1.64 -23.53 -42.37
N ASN A 546 -1.59 -22.96 -41.20
CA ASN A 546 -2.82 -22.70 -40.50
C ASN A 546 -3.09 -21.21 -40.40
N PRO A 547 -4.33 -20.81 -40.31
CA PRO A 547 -4.63 -19.44 -39.89
C PRO A 547 -4.34 -19.27 -38.42
N ILE A 548 -4.50 -18.06 -37.88
CA ILE A 548 -4.14 -17.78 -36.51
C ILE A 548 -5.24 -16.93 -35.89
N GLN A 549 -5.50 -17.16 -34.60
CA GLN A 549 -6.49 -16.37 -33.88
C GLN A 549 -6.20 -14.88 -34.03
N GLN A 550 -7.26 -14.12 -34.24
CA GLN A 550 -7.18 -12.67 -34.16
C GLN A 550 -8.27 -12.17 -33.23
N MET A 551 -8.14 -10.93 -32.82
CA MET A 551 -9.28 -10.25 -32.22
C MET A 551 -10.27 -9.89 -33.31
N SER A 552 -11.55 -9.86 -32.95
CA SER A 552 -12.60 -9.49 -33.88
C SER A 552 -13.92 -9.45 -33.15
N ILE A 553 -14.87 -8.77 -33.76
CA ILE A 553 -16.22 -8.71 -33.22
C ILE A 553 -16.95 -9.99 -33.59
N ASN A 554 -17.95 -10.33 -32.80
CA ASN A 554 -18.75 -11.54 -32.92
C ASN A 554 -20.08 -11.28 -32.23
N VAL A 555 -20.86 -12.32 -31.99
CA VAL A 555 -21.78 -12.17 -30.88
C VAL A 555 -21.27 -13.03 -29.73
N ASP A 556 -20.46 -12.41 -28.87
CA ASP A 556 -20.15 -12.80 -27.52
C ASP A 556 -20.17 -11.47 -26.79
N ASN A 557 -19.21 -10.64 -27.17
CA ASN A 557 -19.42 -9.20 -27.16
C ASN A 557 -19.93 -8.85 -28.55
N GLN A 558 -21.21 -8.54 -28.63
CA GLN A 558 -21.78 -8.01 -29.86
C GLN A 558 -21.58 -6.50 -29.86
N PHE A 559 -22.18 -5.84 -28.89
CA PHE A 559 -21.76 -4.51 -28.54
C PHE A 559 -21.18 -4.59 -27.14
N ASN A 560 -19.87 -4.76 -27.05
CA ASN A 560 -19.09 -4.05 -26.06
C ASN A 560 -18.47 -2.81 -26.67
N TYR A 561 -18.48 -2.71 -27.99
CA TYR A 561 -18.06 -1.50 -28.68
C TYR A 561 -19.25 -0.97 -29.45
N VAL A 562 -19.95 -0.01 -28.86
CA VAL A 562 -20.87 0.97 -29.45
C VAL A 562 -21.55 1.62 -28.27
N PRO A 563 -21.71 2.94 -28.27
CA PRO A 563 -22.22 3.62 -27.08
C PRO A 563 -23.68 3.29 -26.79
N SER A 564 -24.08 3.61 -25.57
CA SER A 564 -25.44 3.39 -25.09
C SER A 564 -26.21 4.71 -25.14
N ASN A 565 -27.51 4.59 -25.38
CA ASN A 565 -28.34 5.73 -25.73
C ASN A 565 -28.27 6.88 -24.72
N ILE A 566 -27.84 6.63 -23.48
CA ILE A 566 -27.59 7.73 -22.55
C ILE A 566 -26.20 8.31 -22.75
N GLY A 567 -25.40 7.72 -23.63
CA GLY A 567 -23.99 8.04 -23.69
C GLY A 567 -23.10 7.01 -23.07
N GLY A 568 -23.61 5.81 -22.82
CA GLY A 568 -22.82 4.81 -22.12
C GLY A 568 -21.58 4.43 -22.88
N MET A 569 -20.56 4.03 -22.13
CA MET A 569 -19.29 3.58 -22.68
C MET A 569 -18.73 2.50 -21.75
N LYS A 570 -17.92 1.62 -22.31
CA LYS A 570 -17.23 0.67 -21.44
C LYS A 570 -15.73 0.60 -21.74
N ILE A 571 -15.38 0.24 -22.97
CA ILE A 571 -14.03 -0.18 -23.31
C ILE A 571 -13.70 -1.40 -22.47
N VAL A 572 -14.30 -2.53 -22.78
CA VAL A 572 -13.97 -3.74 -22.05
C VAL A 572 -12.51 -4.10 -22.28
N TYR A 573 -11.95 -4.85 -21.35
CA TYR A 573 -10.56 -5.26 -21.46
C TYR A 573 -10.40 -6.11 -22.71
N GLU A 574 -9.18 -6.18 -23.18
CA GLU A 574 -8.90 -7.07 -24.29
C GLU A 574 -7.52 -7.68 -24.12
N LYS A 575 -7.43 -8.98 -24.36
CA LYS A 575 -6.22 -9.73 -24.08
C LYS A 575 -5.38 -9.72 -25.34
N SER A 576 -4.27 -9.01 -25.33
CA SER A 576 -3.39 -9.20 -26.48
C SER A 576 -2.03 -9.76 -26.14
N GLN A 577 -1.89 -11.06 -26.28
CA GLN A 577 -0.75 -11.65 -26.94
C GLN A 577 -1.39 -12.80 -27.70
N LEU A 578 -1.54 -12.64 -29.01
CA LEU A 578 -2.38 -13.54 -29.77
C LEU A 578 -1.64 -14.53 -30.65
N ALA A 579 -0.33 -14.45 -30.75
CA ALA A 579 0.34 -15.11 -31.87
C ALA A 579 1.23 -16.25 -31.40
N PRO A 580 0.90 -17.49 -31.73
CA PRO A 580 1.78 -18.60 -31.38
C PRO A 580 2.97 -18.66 -32.31
N ARG A 581 4.11 -19.08 -31.74
CA ARG A 581 5.36 -19.17 -32.46
C ARG A 581 6.14 -20.36 -31.96
N LYS A 582 7.18 -20.72 -32.72
CA LYS A 582 8.11 -21.74 -32.25
C LYS A 582 8.93 -21.21 -31.09
N LEU A 583 9.54 -22.13 -30.35
CA LEU A 583 10.28 -21.80 -29.14
C LEU A 583 11.72 -22.27 -29.21
N TYR A 584 11.94 -23.57 -29.33
CA TYR A 584 13.28 -24.12 -29.28
C TYR A 584 13.71 -24.75 -30.60
N SER B 1 8.16 25.31 35.14
CA SER B 1 7.29 24.91 36.25
C SER B 1 7.13 26.02 37.27
N GLY B 2 7.97 25.99 38.30
CA GLY B 2 7.93 26.94 39.39
C GLY B 2 8.83 26.47 40.51
N PRO B 3 8.64 27.01 41.73
CA PRO B 3 7.71 28.03 42.21
C PRO B 3 7.91 29.47 41.68
N GLY B 4 7.03 30.37 42.09
CA GLY B 4 5.64 30.02 42.35
C GLY B 4 4.59 30.65 41.47
N LEU B 5 4.87 31.83 40.93
CA LEU B 5 3.88 32.65 40.20
C LEU B 5 4.62 33.72 39.37
N VAL B 6 3.97 34.29 38.37
CA VAL B 6 2.75 33.77 37.75
C VAL B 6 3.17 32.75 36.71
N GLN B 7 4.26 33.05 35.99
CA GLN B 7 4.88 32.10 35.05
C GLN B 7 6.39 32.24 35.08
N PRO B 8 7.05 31.79 36.17
CA PRO B 8 8.52 31.69 36.16
C PRO B 8 9.02 30.47 35.39
N SER B 9 10.31 30.18 35.48
CA SER B 9 10.98 29.33 34.51
C SER B 9 11.56 28.06 35.14
N GLN B 10 11.52 26.98 34.36
CA GLN B 10 12.24 25.69 34.51
C GLN B 10 11.80 24.95 35.78
N THR B 11 12.77 24.41 36.54
CA THR B 11 12.56 23.48 37.65
C THR B 11 11.53 22.40 37.31
N LEU B 12 11.85 21.61 36.28
CA LEU B 12 11.42 20.21 36.24
C LEU B 12 12.61 19.40 35.72
N SER B 13 13.25 18.63 36.59
CA SER B 13 14.28 17.72 36.14
C SER B 13 14.29 16.48 37.01
N LEU B 14 14.23 15.32 36.37
CA LEU B 14 14.54 13.99 36.89
C LEU B 14 14.23 13.15 35.65
N THR B 15 14.77 11.94 35.50
CA THR B 15 15.64 11.23 36.43
C THR B 15 16.87 10.73 35.69
N CYS B 16 18.04 10.93 36.29
CA CYS B 16 19.27 10.32 35.84
C CYS B 16 19.70 9.31 36.91
N THR B 17 20.01 8.06 36.53
CA THR B 17 20.28 7.63 35.15
C THR B 17 19.49 6.36 34.76
N VAL B 18 19.57 5.99 33.47
CA VAL B 18 18.77 4.92 32.88
C VAL B 18 17.29 5.27 32.98
N SER B 19 16.85 6.19 32.12
CA SER B 19 15.50 6.75 32.17
C SER B 19 14.47 5.97 31.34
N GLY B 20 14.86 4.93 30.60
CA GLY B 20 13.88 4.02 30.04
C GLY B 20 14.30 3.47 28.68
N PHE B 21 13.32 2.89 28.00
CA PHE B 21 13.47 2.51 26.60
C PHE B 21 13.55 3.77 25.74
N SER B 22 14.59 3.89 24.91
CA SER B 22 14.63 4.99 23.97
C SER B 22 14.00 4.49 22.67
N LEU B 23 12.73 4.82 22.47
CA LEU B 23 12.00 4.43 21.27
C LEU B 23 11.75 5.59 20.29
N SER B 24 12.08 6.82 20.67
CA SER B 24 11.68 8.02 19.91
C SER B 24 10.17 8.26 19.73
N SER B 25 9.46 8.67 20.80
CA SER B 25 10.05 9.00 22.10
C SER B 25 9.12 8.61 23.26
N TYR B 26 9.57 8.90 24.48
CA TYR B 26 8.99 8.29 25.67
C TYR B 26 8.65 9.27 26.79
N HIS B 27 8.09 8.71 27.86
CA HIS B 27 7.64 9.46 29.00
C HIS B 27 8.38 8.83 30.18
N VAL B 28 7.94 8.84 31.45
CA VAL B 28 6.73 9.45 31.99
C VAL B 28 7.10 10.32 33.18
N HIS B 29 6.59 11.54 33.24
CA HIS B 29 6.99 12.42 34.31
C HIS B 29 6.01 12.44 35.48
N TRP B 30 4.91 11.68 35.40
CA TRP B 30 4.03 11.52 36.55
C TRP B 30 3.44 12.89 36.95
N VAL B 31 2.55 13.52 36.18
CA VAL B 31 1.47 13.00 35.30
C VAL B 31 0.40 12.23 36.08
N ARG B 32 -0.48 12.99 36.74
CA ARG B 32 -0.29 14.42 36.97
C ARG B 32 -0.63 14.81 38.40
N GLN B 33 -1.92 14.74 38.74
CA GLN B 33 -2.36 15.32 39.99
C GLN B 33 -1.93 14.61 41.27
N PRO B 34 -2.09 13.27 41.36
CA PRO B 34 -2.56 12.15 40.51
C PRO B 34 -4.05 11.97 40.09
N PRO B 35 -5.07 12.58 40.75
CA PRO B 35 -6.45 12.32 40.30
C PRO B 35 -6.68 12.61 38.83
N GLY B 36 -5.75 13.31 38.19
CA GLY B 36 -5.81 13.56 36.76
C GLY B 36 -4.42 13.68 36.17
N LYS B 37 -4.32 13.97 34.88
CA LYS B 37 -5.50 14.18 34.05
C LYS B 37 -5.51 13.34 32.74
N GLY B 38 -4.66 13.53 31.72
CA GLY B 38 -3.83 14.69 31.42
C GLY B 38 -2.88 14.45 30.26
N LEU B 39 -2.38 15.52 29.63
CA LEU B 39 -1.09 15.46 28.96
C LEU B 39 -0.96 14.44 27.83
N GLU B 40 -1.35 14.81 26.60
CA GLU B 40 -1.55 13.87 25.50
C GLU B 40 -0.24 13.40 24.83
N TRP B 41 0.85 13.38 25.59
CA TRP B 41 1.91 12.40 25.35
C TRP B 41 2.89 12.62 24.19
N LEU B 42 4.00 13.26 24.57
CA LEU B 42 5.05 13.84 23.75
C LEU B 42 5.55 12.95 22.62
N GLY B 43 5.89 13.61 21.52
CA GLY B 43 6.48 13.16 20.25
C GLY B 43 7.99 13.32 20.22
N VAL B 44 8.50 13.84 19.12
CA VAL B 44 9.88 14.29 19.00
C VAL B 44 9.82 15.50 18.04
N MET B 45 10.66 16.56 18.20
CA MET B 45 10.48 17.99 17.71
C MET B 45 10.22 18.20 16.12
N TRP B 46 10.83 19.26 15.14
CA TRP B 46 10.57 19.99 13.69
C TRP B 46 9.34 19.64 14.46
N ASN B 47 8.79 18.54 14.08
CA ASN B 47 7.40 18.55 14.16
C ASN B 47 6.65 17.44 14.95
N ASP B 48 7.29 16.32 15.34
CA ASP B 48 6.51 15.22 15.99
C ASP B 48 6.12 15.59 17.42
N GLY B 49 4.86 15.40 17.75
CA GLY B 49 4.45 15.65 19.11
C GLY B 49 3.03 15.15 19.18
N ASP B 50 2.20 15.56 20.15
CA ASP B 50 2.51 16.47 21.26
C ASP B 50 1.33 16.50 22.23
N THR B 51 1.45 17.35 23.25
CA THR B 51 0.59 17.61 24.40
C THR B 51 -0.66 18.42 24.01
N SER B 52 -1.64 18.44 24.94
CA SER B 52 -3.03 18.82 24.68
C SER B 52 -3.40 20.27 24.96
N TYR B 53 -2.53 21.05 25.58
CA TYR B 53 -2.80 22.47 25.81
C TYR B 53 -1.58 23.25 25.38
N ASN B 54 -1.79 24.40 24.75
CA ASN B 54 -0.65 25.07 24.13
C ASN B 54 0.37 25.49 25.18
N LEU B 55 1.60 25.65 24.71
CA LEU B 55 2.76 26.00 25.53
C LEU B 55 3.06 24.93 26.57
N ALA B 56 2.64 23.70 26.30
CA ALA B 56 3.02 22.54 27.09
C ALA B 56 4.21 21.80 26.51
N LEU B 57 4.86 22.37 25.49
CA LEU B 57 5.83 21.65 24.68
C LEU B 57 6.90 20.98 25.53
N ASN B 58 7.32 19.79 25.09
CA ASN B 58 8.44 19.08 25.71
C ASN B 58 9.50 18.78 24.68
N SER B 59 10.74 18.76 25.15
CA SER B 59 11.87 18.45 24.29
C SER B 59 12.99 17.89 25.14
N ARG B 60 13.77 17.00 24.53
CA ARG B 60 14.95 16.41 25.15
C ARG B 60 15.58 15.43 24.18
N LEU B 61 16.85 15.13 24.42
CA LEU B 61 17.57 14.12 23.66
C LEU B 61 17.56 12.82 24.46
N SER B 62 17.13 11.74 23.82
CA SER B 62 17.13 10.43 24.46
C SER B 62 18.53 9.82 24.54
N ILE B 63 19.56 10.45 23.97
CA ILE B 63 20.92 9.92 24.11
C ILE B 63 21.48 10.42 25.43
N SER B 64 22.70 10.02 25.77
CA SER B 64 23.25 10.42 27.05
C SER B 64 24.03 11.71 26.89
N ARG B 65 23.81 12.68 27.76
CA ARG B 65 23.01 12.52 28.99
C ARG B 65 21.51 12.41 28.77
N ASP B 66 20.92 11.33 29.31
CA ASP B 66 19.47 11.15 29.28
C ASP B 66 18.84 12.10 30.28
N THR B 67 17.98 12.98 29.81
CA THR B 67 17.52 14.11 30.60
C THR B 67 16.10 14.46 30.19
N SER B 68 15.63 15.64 30.61
CA SER B 68 14.33 16.15 30.19
C SER B 68 14.36 17.67 30.21
N LYS B 69 13.23 18.28 29.83
CA LYS B 69 13.10 19.72 29.65
C LYS B 69 11.64 19.95 29.24
N SER B 70 11.08 21.14 29.48
CA SER B 70 11.70 22.20 30.28
C SER B 70 11.62 21.90 31.80
N GLN B 71 10.44 21.78 32.42
CA GLN B 71 9.12 21.94 31.82
C GLN B 71 8.20 22.69 32.76
N VAL B 72 7.45 23.65 32.23
CA VAL B 72 7.87 24.36 31.02
C VAL B 72 7.65 25.81 31.43
N PHE B 73 6.39 26.20 31.62
CA PHE B 73 6.11 27.36 32.44
C PHE B 73 4.94 27.06 33.42
N PHE B 74 3.68 26.80 33.01
CA PHE B 74 3.11 26.97 31.65
C PHE B 74 1.93 27.95 31.76
N LYS B 75 0.79 27.49 32.31
CA LYS B 75 -0.25 28.32 32.91
C LYS B 75 -0.54 27.65 34.26
N MET B 76 -0.07 28.25 35.35
CA MET B 76 -0.12 27.58 36.64
C MET B 76 -1.21 28.09 37.59
N SER B 77 -2.02 29.05 37.16
CA SER B 77 -2.97 29.69 38.07
C SER B 77 -4.03 28.74 38.60
N SER B 78 -4.04 27.50 38.13
CA SER B 78 -4.97 26.47 38.59
C SER B 78 -4.42 25.65 39.76
N LEU B 79 -3.26 26.01 40.31
CA LEU B 79 -2.79 25.49 41.59
C LEU B 79 -2.48 23.99 41.54
N GLN B 80 -2.22 23.48 40.35
CA GLN B 80 -2.02 22.07 40.13
C GLN B 80 -0.58 21.66 40.47
N THR B 81 -0.39 20.39 40.85
CA THR B 81 0.94 19.94 41.25
C THR B 81 1.28 18.55 40.72
N GLU B 82 2.35 18.49 39.91
CA GLU B 82 3.15 17.27 39.72
C GLU B 82 4.63 17.70 39.85
N ASP B 83 5.28 17.31 40.94
CA ASP B 83 6.66 17.75 41.15
C ASP B 83 7.69 16.65 40.87
N THR B 84 7.29 15.45 40.49
CA THR B 84 8.26 14.47 39.98
C THR B 84 7.51 13.61 38.94
N ALA B 85 8.08 13.23 37.78
CA ALA B 85 9.48 12.96 37.36
C ALA B 85 10.17 11.73 37.97
N THR B 86 9.69 10.53 37.60
CA THR B 86 10.41 9.26 37.75
C THR B 86 9.78 8.24 36.82
N TYR B 87 10.56 7.19 36.50
CA TYR B 87 10.44 6.54 35.22
C TYR B 87 10.06 5.06 35.30
N TYR B 88 10.08 4.41 34.14
CA TYR B 88 9.39 3.15 33.81
C TYR B 88 7.90 3.41 34.00
N CYS B 89 7.23 4.23 33.16
CA CYS B 89 7.41 4.62 31.72
C CYS B 89 7.34 3.43 30.75
N ALA B 90 6.09 3.05 30.50
CA ALA B 90 5.68 1.79 29.88
C ALA B 90 5.77 1.72 28.37
N ARG B 91 4.75 2.25 27.69
CA ARG B 91 4.72 2.45 26.25
C ARG B 91 3.95 3.76 26.08
N PRO B 92 4.39 4.64 25.18
CA PRO B 92 4.17 6.03 25.61
C PRO B 92 2.75 6.63 25.74
N GLU B 93 1.80 6.71 24.80
CA GLU B 93 1.80 6.28 23.39
C GLU B 93 2.53 7.18 22.38
N LEU B 94 2.36 6.86 21.09
CA LEU B 94 3.21 7.40 20.03
C LEU B 94 4.61 7.04 20.46
N PRO B 95 4.99 5.77 20.33
CA PRO B 95 4.59 4.41 19.94
C PRO B 95 3.59 3.84 20.85
N GLY B 96 2.97 2.77 20.44
CA GLY B 96 1.74 2.41 21.08
C GLY B 96 0.88 1.67 20.10
N LEU B 97 -0.42 1.85 20.26
CA LEU B 97 -1.37 1.40 19.26
C LEU B 97 -1.41 -0.12 19.23
N THR B 98 -1.30 -0.72 20.42
CA THR B 98 -1.45 -2.17 20.63
C THR B 98 -2.67 -2.81 20.00
N TYR B 99 -3.86 -2.24 20.20
CA TYR B 99 -4.21 -0.93 20.79
C TYR B 99 -3.81 -0.26 22.01
N GLY B 100 -3.20 0.91 21.99
CA GLY B 100 -2.76 1.47 23.24
C GLY B 100 -1.63 0.56 23.67
N VAL B 101 -1.58 0.11 24.93
CA VAL B 101 -2.28 0.70 26.07
C VAL B 101 -1.38 0.93 27.30
N TRP B 102 -1.01 -0.17 27.95
CA TRP B 102 -0.94 -0.26 29.42
C TRP B 102 0.34 0.34 30.01
N PHE B 103 0.26 0.62 31.33
CA PHE B 103 1.27 1.33 32.12
C PHE B 103 1.74 0.51 33.32
N PRO B 104 2.84 -0.24 33.20
CA PRO B 104 3.51 -0.76 34.40
C PRO B 104 4.40 0.25 35.13
N TYR B 105 4.31 0.23 36.46
CA TYR B 105 5.05 0.95 37.51
C TYR B 105 5.34 2.43 37.23
N TRP B 106 6.29 2.97 37.99
CA TRP B 106 6.43 4.40 38.34
C TRP B 106 7.53 4.52 39.39
N GLY B 107 7.83 5.74 39.83
CA GLY B 107 8.69 5.84 41.00
C GLY B 107 8.62 7.17 41.70
N GLN B 108 9.26 7.22 42.88
CA GLN B 108 9.54 8.44 43.61
C GLN B 108 8.29 9.23 43.99
N GLY B 109 7.65 8.84 45.08
CA GLY B 109 6.44 9.45 45.58
C GLY B 109 6.67 10.87 46.08
N THR B 110 5.67 11.36 46.82
CA THR B 110 5.15 12.71 46.59
C THR B 110 6.26 13.75 46.52
N LEU B 111 6.27 14.43 45.38
CA LEU B 111 6.85 15.76 45.23
C LEU B 111 5.67 16.64 44.86
N VAL B 112 5.51 17.77 45.56
CA VAL B 112 4.41 18.68 45.33
C VAL B 112 4.98 20.05 44.98
N THR B 113 4.43 20.68 43.93
CA THR B 113 4.89 21.98 43.49
C THR B 113 3.83 23.03 43.80
N VAL B 114 4.27 24.16 44.33
CA VAL B 114 3.34 25.14 44.90
C VAL B 114 2.64 25.91 43.78
N SER B 115 1.53 26.56 44.15
CA SER B 115 0.65 27.24 43.22
C SER B 115 1.24 28.50 42.62
N LEU C 1 -17.33 9.51 28.94
CA LEU C 1 -16.07 8.82 29.19
C LEU C 1 -16.23 7.81 30.31
N MET C 2 -15.24 7.73 31.20
CA MET C 2 -15.22 6.72 32.24
C MET C 2 -15.53 7.32 33.61
N THR C 3 -16.34 6.60 34.38
CA THR C 3 -16.60 6.94 35.79
C THR C 3 -16.48 5.67 36.62
N GLN C 4 -16.29 5.86 37.93
CA GLN C 4 -16.01 4.76 38.84
C GLN C 4 -16.99 4.83 40.02
N ILE C 5 -17.90 3.86 40.09
CA ILE C 5 -18.88 3.75 41.16
C ILE C 5 -19.15 2.25 41.27
N PRO C 6 -19.59 1.73 42.44
CA PRO C 6 -19.95 2.21 43.79
C PRO C 6 -18.86 2.86 44.62
N ALA C 7 -19.27 3.29 45.82
CA ALA C 7 -18.38 3.87 46.81
C ALA C 7 -18.89 3.47 48.19
N SER C 8 -18.18 3.92 49.23
CA SER C 8 -18.54 3.68 50.63
C SER C 8 -18.71 2.18 50.89
N MET C 9 -17.60 1.47 50.81
CA MET C 9 -17.58 0.05 51.08
C MET C 9 -16.69 -0.20 52.30
N SER C 10 -17.25 -0.87 53.31
CA SER C 10 -16.52 -1.27 54.51
C SER C 10 -16.69 -2.78 54.65
N ILE C 11 -15.59 -3.52 54.53
CA ILE C 11 -15.63 -4.96 54.38
C ILE C 11 -14.73 -5.62 55.43
N SER C 12 -15.06 -6.88 55.73
CA SER C 12 -14.14 -7.71 56.48
C SER C 12 -12.98 -8.16 55.59
N VAL C 13 -11.89 -8.58 56.22
CA VAL C 13 -10.71 -8.99 55.47
C VAL C 13 -11.01 -10.28 54.71
N GLY C 14 -10.53 -10.34 53.46
CA GLY C 14 -10.66 -11.51 52.63
C GLY C 14 -11.93 -11.58 51.80
N ASP C 15 -12.97 -10.85 52.17
CA ASP C 15 -14.24 -10.92 51.46
C ASP C 15 -14.12 -10.33 50.06
N ARG C 16 -15.07 -10.70 49.21
CA ARG C 16 -15.12 -10.23 47.84
C ARG C 16 -15.87 -8.91 47.72
N VAL C 17 -15.85 -8.35 46.51
CA VAL C 17 -16.74 -7.25 46.14
C VAL C 17 -16.75 -7.14 44.63
N THR C 18 -17.76 -6.46 44.09
CA THR C 18 -17.83 -6.13 42.67
C THR C 18 -17.59 -4.64 42.48
N MET C 19 -16.71 -4.30 41.54
CA MET C 19 -16.46 -2.92 41.12
C MET C 19 -16.66 -2.85 39.62
N ASN C 20 -17.41 -1.85 39.14
CA ASN C 20 -17.78 -1.84 37.73
C ASN C 20 -17.59 -0.46 37.13
N CYS C 21 -17.81 -0.38 35.81
CA CYS C 21 -17.55 0.82 35.02
C CYS C 21 -18.40 0.81 33.76
N LYS C 22 -18.57 2.01 33.20
CA LYS C 22 -19.44 2.23 32.05
C LYS C 22 -18.85 3.33 31.19
N ALA C 23 -18.95 3.17 29.86
CA ALA C 23 -18.31 4.11 28.95
C ALA C 23 -19.10 4.18 27.64
N SER C 24 -18.83 5.23 26.86
CA SER C 24 -19.62 5.51 25.66
C SER C 24 -19.02 4.85 24.42
N GLN C 25 -17.92 5.41 23.90
CA GLN C 25 -17.33 4.86 22.69
C GLN C 25 -16.84 3.45 22.95
N ASN C 26 -16.96 2.59 21.94
CA ASN C 26 -16.74 1.16 22.14
C ASN C 26 -15.25 0.90 22.22
N VAL C 27 -14.81 0.38 23.38
CA VAL C 27 -13.40 0.39 23.78
C VAL C 27 -12.70 -0.93 23.48
N ASP C 28 -13.36 -1.87 22.81
CA ASP C 28 -12.84 -3.24 22.59
C ASP C 28 -12.67 -3.87 23.96
N SER C 29 -11.55 -4.51 24.27
CA SER C 29 -11.06 -4.57 25.63
C SER C 29 -9.74 -3.80 25.63
N ASN C 30 -9.81 -2.53 26.02
CA ASN C 30 -8.65 -1.79 26.49
C ASN C 30 -8.65 -1.63 28.00
N VAL C 31 -9.68 -2.13 28.67
CA VAL C 31 -9.97 -1.75 30.05
C VAL C 31 -8.82 -2.14 30.96
N ASP C 32 -8.40 -1.21 31.81
CA ASP C 32 -7.28 -1.42 32.73
C ASP C 32 -7.65 -0.93 34.12
N TRP C 33 -6.83 -1.33 35.09
CA TRP C 33 -7.06 -1.02 36.50
C TRP C 33 -5.76 -0.80 37.24
N TYR C 34 -5.71 0.26 38.03
CA TYR C 34 -4.51 0.61 38.79
C TYR C 34 -4.77 0.43 40.27
N GLN C 35 -3.88 -0.31 40.92
CA GLN C 35 -4.08 -0.69 42.31
C GLN C 35 -2.80 -0.50 43.09
N GLN C 36 -2.81 0.46 44.02
CA GLN C 36 -1.90 0.36 45.12
C GLN C 36 -2.48 -0.81 45.93
N LYS C 37 -1.70 -1.67 46.59
CA LYS C 37 -0.23 -1.71 46.65
C LYS C 37 0.33 -0.38 47.12
N THR C 38 -0.01 0.01 48.35
CA THR C 38 0.38 1.33 48.81
C THR C 38 1.91 1.42 48.81
N GLY C 39 2.42 2.36 48.03
CA GLY C 39 3.83 2.47 47.72
C GLY C 39 4.20 1.51 46.61
N GLN C 40 5.07 1.92 45.71
CA GLN C 40 5.43 3.32 45.53
C GLN C 40 4.26 4.06 44.87
N SER C 41 3.27 3.27 44.44
CA SER C 41 1.97 3.74 43.95
C SER C 41 1.99 4.27 42.54
N PRO C 42 0.84 4.17 41.84
CA PRO C 42 -0.29 3.28 42.06
C PRO C 42 0.02 1.86 41.69
N ASN C 43 1.03 1.64 40.85
CA ASN C 43 1.60 0.31 40.72
C ASN C 43 0.57 -0.71 40.20
N LEU C 44 0.27 -0.59 38.90
CA LEU C 44 -0.83 -1.34 38.30
C LEU C 44 -0.69 -2.84 38.58
N LEU C 45 -1.84 -3.51 38.71
CA LEU C 45 -1.87 -4.95 38.94
C LEU C 45 -2.14 -5.73 37.67
N ILE C 46 -3.40 -5.75 37.23
CA ILE C 46 -3.82 -6.57 36.11
C ILE C 46 -3.82 -5.73 34.84
N TYR C 47 -3.25 -6.29 33.78
CA TYR C 47 -3.25 -5.61 32.49
C TYR C 47 -4.66 -5.69 31.92
N LYS C 48 -4.84 -5.32 30.66
CA LYS C 48 -6.16 -5.39 30.06
C LYS C 48 -6.72 -6.80 30.25
N ALA C 49 -7.93 -6.87 30.81
CA ALA C 49 -8.47 -8.11 31.33
C ALA C 49 -8.41 -9.22 30.29
N SER C 50 -7.85 -10.36 30.67
CA SER C 50 -7.32 -10.53 32.03
C SER C 50 -5.89 -11.05 32.06
N ASN C 51 -5.05 -10.38 32.84
CA ASN C 51 -3.74 -10.91 33.21
C ASN C 51 -3.58 -10.76 34.71
N ARG C 52 -3.50 -11.87 35.42
CA ARG C 52 -3.40 -11.86 36.88
C ARG C 52 -2.00 -11.51 37.38
N ASN C 53 -1.03 -11.34 36.50
CA ASN C 53 0.36 -11.14 36.91
C ASN C 53 0.53 -9.80 37.59
N THR C 54 1.78 -9.48 37.94
CA THR C 54 2.12 -8.16 38.46
C THR C 54 1.40 -7.82 39.78
N GLY C 55 1.96 -8.26 40.91
CA GLY C 55 3.28 -8.88 40.90
C GLY C 55 3.32 -10.38 41.10
N VAL C 56 2.24 -10.93 41.63
CA VAL C 56 2.02 -12.38 41.65
C VAL C 56 0.54 -12.65 41.48
N PRO C 57 0.20 -13.76 40.85
CA PRO C 57 -1.17 -13.93 40.34
C PRO C 57 -2.19 -14.14 41.45
N ASP C 58 -3.46 -13.97 41.06
CA ASP C 58 -4.61 -14.30 41.91
C ASP C 58 -4.69 -13.40 43.15
N ARG C 59 -4.24 -12.15 43.06
CA ARG C 59 -4.61 -11.24 44.12
C ARG C 59 -5.99 -10.64 43.89
N PHE C 60 -6.22 -10.09 42.70
CA PHE C 60 -7.55 -9.72 42.21
C PHE C 60 -7.82 -10.43 40.89
N THR C 61 -9.01 -10.21 40.36
CA THR C 61 -9.33 -10.71 39.02
C THR C 61 -10.23 -9.71 38.31
N GLY C 62 -9.86 -9.34 37.09
CA GLY C 62 -10.74 -8.63 36.21
C GLY C 62 -11.30 -9.54 35.13
N SER C 63 -12.35 -9.09 34.46
CA SER C 63 -13.03 -9.85 33.42
C SER C 63 -14.15 -8.99 32.83
N GLY C 64 -14.61 -9.39 31.65
CA GLY C 64 -15.60 -8.65 30.91
C GLY C 64 -14.99 -7.95 29.71
N SER C 65 -15.88 -7.46 28.84
CA SER C 65 -15.47 -6.80 27.61
C SER C 65 -16.42 -5.65 27.30
N GLY C 66 -16.12 -4.94 26.22
CA GLY C 66 -16.97 -3.91 25.69
C GLY C 66 -17.15 -2.72 26.63
N THR C 67 -18.28 -2.04 26.47
CA THR C 67 -18.56 -0.78 27.15
C THR C 67 -18.62 -0.90 28.65
N ASP C 68 -18.59 -2.10 29.19
CA ASP C 68 -18.66 -2.29 30.63
C ASP C 68 -17.46 -3.11 31.09
N PHE C 69 -17.14 -2.97 32.37
CA PHE C 69 -16.18 -3.85 33.00
C PHE C 69 -16.56 -4.05 34.46
N THR C 70 -16.22 -5.22 34.98
CA THR C 70 -16.51 -5.62 36.35
C THR C 70 -15.22 -6.04 37.03
N PHE C 71 -14.81 -5.28 38.04
CA PHE C 71 -13.55 -5.49 38.75
C PHE C 71 -13.81 -6.30 40.02
N THR C 72 -12.94 -7.28 40.29
CA THR C 72 -13.23 -8.24 41.33
C THR C 72 -11.99 -8.56 42.16
N ILE C 73 -12.24 -8.78 43.45
CA ILE C 73 -11.25 -8.82 44.51
C ILE C 73 -11.44 -10.17 45.23
N SER C 74 -10.46 -11.06 45.11
CA SER C 74 -10.61 -12.33 45.81
C SER C 74 -9.99 -12.28 47.19
N ASN C 75 -8.68 -12.00 47.26
CA ASN C 75 -7.93 -12.00 48.51
C ASN C 75 -7.79 -10.57 49.03
N MET C 76 -8.44 -10.28 50.14
CA MET C 76 -8.39 -8.97 50.77
C MET C 76 -7.62 -9.06 52.09
N GLN C 77 -6.64 -8.19 52.25
CA GLN C 77 -5.78 -8.19 53.44
C GLN C 77 -5.49 -6.74 53.82
N ALA C 78 -4.59 -6.58 54.77
CA ALA C 78 -4.08 -5.25 55.14
C ALA C 78 -3.01 -4.76 54.18
N GLU C 79 -2.66 -5.56 53.18
CA GLU C 79 -1.71 -5.14 52.15
C GLU C 79 -2.37 -4.36 51.02
N ASP C 80 -3.70 -4.30 50.97
CA ASP C 80 -4.45 -3.42 50.08
C ASP C 80 -5.52 -2.70 50.89
N LEU C 81 -5.83 -1.47 50.49
CA LEU C 81 -6.79 -0.65 51.24
C LEU C 81 -7.20 0.56 50.41
N ALA C 82 -8.08 1.38 51.00
CA ALA C 82 -8.48 2.72 50.55
C ALA C 82 -9.01 2.69 49.12
N VAL C 83 -8.43 3.46 48.20
CA VAL C 83 -9.11 3.92 47.01
C VAL C 83 -8.22 3.68 45.79
N TYR C 84 -8.86 3.50 44.64
CA TYR C 84 -8.27 2.92 43.46
C TYR C 84 -8.77 3.67 42.23
N TYR C 85 -8.26 3.31 41.05
CA TYR C 85 -8.57 4.05 39.83
C TYR C 85 -8.79 3.12 38.65
N CYS C 86 -9.49 3.64 37.64
CA CYS C 86 -9.69 3.00 36.34
C CYS C 86 -9.31 3.94 35.21
N MET C 87 -8.93 3.33 34.09
CA MET C 87 -8.66 4.07 32.88
C MET C 87 -9.43 3.47 31.72
N GLN C 88 -9.61 4.31 30.70
CA GLN C 88 -9.89 3.88 29.35
C GLN C 88 -8.72 4.29 28.48
N SER C 89 -8.45 3.51 27.45
CA SER C 89 -7.40 3.81 26.49
C SER C 89 -8.00 3.76 25.09
N THR C 90 -8.08 4.91 24.42
CA THR C 90 -8.69 4.88 23.11
C THR C 90 -7.90 5.61 22.01
N SER C 91 -7.78 6.94 22.11
CA SER C 91 -7.39 7.81 20.98
C SER C 91 -6.49 8.88 21.58
N TYR C 92 -6.27 10.00 20.90
CA TYR C 92 -6.18 11.12 21.81
C TYR C 92 -7.51 11.20 22.44
N PRO C 93 -7.53 11.69 23.65
CA PRO C 93 -6.36 11.65 24.53
C PRO C 93 -6.52 10.45 25.41
N LEU C 94 -5.67 10.30 26.40
CA LEU C 94 -6.04 9.47 27.52
C LEU C 94 -7.06 10.19 28.39
N THR C 95 -7.79 9.40 29.20
CA THR C 95 -8.63 9.95 30.27
C THR C 95 -8.61 8.99 31.44
N PHE C 96 -8.78 9.53 32.65
CA PHE C 96 -8.92 8.76 33.87
C PHE C 96 -10.35 8.87 34.38
N GLY C 97 -10.79 7.83 35.08
CA GLY C 97 -11.95 7.91 35.94
C GLY C 97 -11.56 8.46 37.30
N SER C 98 -12.51 8.41 38.23
CA SER C 98 -12.22 8.81 39.61
C SER C 98 -12.89 7.88 40.61
N GLY C 99 -12.07 7.13 41.37
CA GLY C 99 -12.36 6.77 42.74
C GLY C 99 -13.27 5.61 43.07
N THR C 100 -12.94 4.89 44.15
CA THR C 100 -13.74 3.82 44.70
C THR C 100 -13.92 3.99 46.21
N LYS C 101 -12.80 4.08 46.94
CA LYS C 101 -12.77 4.27 48.38
C LYS C 101 -13.32 3.07 49.16
N LEU C 102 -12.53 2.01 49.25
CA LEU C 102 -12.82 0.84 50.06
C LEU C 102 -11.78 0.71 51.16
N GLU C 103 -12.18 0.95 52.42
CA GLU C 103 -11.31 0.73 53.57
C GLU C 103 -11.88 -0.38 54.43
N ILE C 104 -10.97 -1.14 55.06
CA ILE C 104 -11.35 -2.29 55.87
C ILE C 104 -12.37 -1.84 56.91
N LYS C 105 -13.40 -2.66 57.11
CA LYS C 105 -14.44 -2.31 58.07
C LYS C 105 -13.85 -2.35 59.48
N ARG C 106 -13.93 -1.23 60.18
CA ARG C 106 -13.39 -1.10 61.52
C ARG C 106 -14.46 -0.49 62.40
N ALA C 107 -14.93 -1.24 63.39
CA ALA C 107 -15.96 -0.79 64.32
C ALA C 107 -16.12 -1.78 65.45
#